data_2W02
#
_entry.id   2W02
#
_cell.length_a   79.874
_cell.length_b   94.542
_cell.length_c   157.770
_cell.angle_alpha   90.00
_cell.angle_beta   90.00
_cell.angle_gamma   90.00
#
_symmetry.space_group_name_H-M   'P 21 21 21'
#
loop_
_entity.id
_entity.type
_entity.pdbx_description
1 polymer ACSD
2 non-polymer "ADENOSINE-5'-TRIPHOSPHATE"
3 non-polymer 'MAGNESIUM ION'
4 non-polymer SERINE
5 water water
#
_entity_poly.entity_id   1
_entity_poly.type   'polypeptide(L)'
_entity_poly.pdbx_seq_one_letter_code
;MNNRNHDVLSRMISEKAALHGLLNCLIKEFAIPEGYLRYEWPDEMKGIPPGAYFDGADWKGIPMMIGLPDQLQLFVMVDR
RDTFGSQHYLSDVYLRQAQGDWQCPDFEPLVARLLAACEHIAGRKNPELYEQILQSQRLVSAIVSHNGRQRADAPLQHYL
QSEQGLWFGHPSHPAPKARLWPAHLGQEQWAPEFQARAALHQFEVPVDGLHIGANGLTPQQVLDGFADQQPASPGHAIIC
MHPVQAQLFMQDARVQQLLRDNVIRDLGQSGRVASPTASIRTWFIDDHDYFIKGSLNVRITNCVRKNAWYELESTVLIDR
LFRQLLDQHADTLGGLVAAAEPGVVSWSPAAAGELDSHWFREQTGGILRENFCRRTGAERSIMAGTLFARGVDLQPMIQT
FLRTHYGEALDDNALLYWFDDYQTRLLRPVLSLFFNHGVVMEPHLQNSVLVHQQGRPQQVLLRDFEGVKLTDDLGIRYID
DDIHPRVRQSLLYSREQGWNRIMYCLFINHLSETILALSQGRPQLAPLMWRRVQQQLRAIQGELKQPSPELDALIAGHPV
ACKTNLKVRLAAEADRQASYVRLPSPWGHAVQHGSEVQHDERRHGDVRHEEARHGEVQHG
;
_entity_poly.pdbx_strand_id   A,B
#
loop_
_chem_comp.id
_chem_comp.type
_chem_comp.name
_chem_comp.formula
ATP non-polymer ADENOSINE-5'-TRIPHOSPHATE 'C10 H16 N5 O13 P3'
MG non-polymer 'MAGNESIUM ION' 'Mg 2'
#
# COMPACT_ATOMS: atom_id res chain seq x y z
N ASN A 5 3.25 7.21 22.06
CA ASN A 5 3.26 7.09 20.56
C ASN A 5 4.22 6.01 20.02
N HIS A 6 5.40 5.90 20.62
CA HIS A 6 6.29 4.78 20.32
C HIS A 6 5.77 3.52 21.01
N ASP A 7 5.13 3.72 22.16
CA ASP A 7 4.62 2.61 22.95
C ASP A 7 3.35 2.02 22.33
N VAL A 8 2.41 2.86 21.92
CA VAL A 8 1.18 2.39 21.31
C VAL A 8 1.53 1.59 20.06
N LEU A 9 2.44 2.15 19.28
CA LEU A 9 2.87 1.59 18.00
C LEU A 9 3.58 0.25 18.18
N SER A 10 4.42 0.18 19.19
CA SER A 10 5.11 -1.06 19.53
C SER A 10 4.11 -2.15 19.91
N ARG A 11 3.11 -1.80 20.74
CA ARG A 11 2.02 -2.72 21.07
C ARG A 11 1.33 -3.22 19.82
N MET A 12 0.98 -2.28 18.94
CA MET A 12 0.27 -2.60 17.73
C MET A 12 1.08 -3.47 16.80
N ILE A 13 2.39 -3.22 16.75
CA ILE A 13 3.32 -4.02 15.94
C ILE A 13 3.39 -5.45 16.49
N SER A 14 3.47 -5.57 17.82
CA SER A 14 3.55 -6.89 18.46
C SER A 14 2.26 -7.68 18.33
N GLU A 15 1.12 -6.99 18.38
CA GLU A 15 -0.17 -7.65 18.18
C GLU A 15 -0.33 -8.18 16.76
N LYS A 16 0.14 -7.44 15.77
CA LYS A 16 0.03 -7.86 14.38
C LYS A 16 0.92 -9.07 14.15
N ALA A 17 2.17 -8.95 14.58
CA ALA A 17 3.15 -10.00 14.49
C ALA A 17 2.65 -11.25 15.18
N ALA A 18 2.18 -11.08 16.42
CA ALA A 18 1.71 -12.21 17.22
C ALA A 18 0.55 -12.96 16.55
N LEU A 19 -0.39 -12.19 16.02
CA LEU A 19 -1.58 -12.74 15.37
C LEU A 19 -1.24 -13.51 14.09
N HIS A 20 -0.32 -12.96 13.30
CA HIS A 20 0.18 -13.62 12.10
C HIS A 20 0.80 -14.99 12.39
N GLY A 21 1.63 -15.06 13.43
CA GLY A 21 2.20 -16.33 13.87
C GLY A 21 1.11 -17.32 14.22
N LEU A 22 0.02 -16.82 14.79
CA LEU A 22 -1.09 -17.68 15.19
C LEU A 22 -1.90 -18.17 13.98
N LEU A 23 -2.20 -17.25 13.06
CA LEU A 23 -2.86 -17.63 11.80
C LEU A 23 -2.08 -18.74 11.11
N ASN A 24 -0.77 -18.52 11.00
CA ASN A 24 0.14 -19.45 10.38
C ASN A 24 -0.11 -20.87 10.86
N CYS A 25 -0.15 -21.05 12.17
CA CYS A 25 -0.50 -22.30 12.84
C CYS A 25 -1.90 -22.80 12.50
N LEU A 26 -2.84 -21.87 12.41
CA LEU A 26 -4.21 -22.23 12.12
C LEU A 26 -4.31 -22.78 10.71
N ILE A 27 -3.68 -22.08 9.77
CA ILE A 27 -3.72 -22.46 8.37
C ILE A 27 -2.93 -23.74 8.14
N LYS A 28 -1.66 -23.73 8.54
CA LYS A 28 -0.77 -24.88 8.31
C LYS A 28 -1.22 -26.17 8.99
N GLU A 29 -1.85 -26.05 10.16
CA GLU A 29 -2.15 -27.20 11.01
C GLU A 29 -3.60 -27.62 10.99
N PHE A 30 -4.50 -26.68 10.66
CA PHE A 30 -5.92 -27.00 10.67
C PHE A 30 -6.63 -26.74 9.34
N ALA A 31 -6.61 -25.49 8.90
CA ALA A 31 -7.37 -25.10 7.73
C ALA A 31 -7.00 -25.96 6.52
N ILE A 32 -5.75 -25.89 6.07
CA ILE A 32 -5.36 -26.64 4.87
C ILE A 32 -5.63 -28.15 4.96
N PRO A 33 -4.97 -28.88 5.88
CA PRO A 33 -5.14 -30.34 5.93
C PRO A 33 -6.57 -30.84 6.14
N GLU A 34 -7.35 -30.16 6.96
CA GLU A 34 -8.69 -30.63 7.27
C GLU A 34 -9.72 -30.08 6.30
N GLY A 35 -9.28 -29.13 5.47
CA GLY A 35 -10.03 -28.67 4.31
C GLY A 35 -11.05 -27.59 4.62
N TYR A 36 -10.66 -26.64 5.47
CA TYR A 36 -11.51 -25.53 5.89
C TYR A 36 -11.18 -24.26 5.12
N LEU A 37 -10.10 -24.29 4.36
CA LEU A 37 -9.63 -23.10 3.66
C LEU A 37 -10.20 -22.98 2.25
N ARG A 38 -10.71 -21.79 1.94
CA ARG A 38 -11.14 -21.42 0.59
C ARG A 38 -10.67 -20.02 0.26
N TYR A 39 -10.21 -19.81 -0.98
CA TYR A 39 -9.96 -18.46 -1.50
C TYR A 39 -11.23 -17.98 -2.18
N GLU A 40 -12.07 -17.33 -1.39
CA GLU A 40 -13.43 -16.93 -1.79
C GLU A 40 -13.85 -15.71 -1.00
N TRP A 41 -14.69 -14.88 -1.61
CA TRP A 41 -15.32 -13.78 -0.90
C TRP A 41 -16.56 -14.30 -0.16
N PRO A 42 -16.70 -13.95 1.13
CA PRO A 42 -17.99 -14.16 1.82
C PRO A 42 -19.20 -13.68 1.01
N ASP A 43 -20.35 -14.30 1.26
CA ASP A 43 -21.62 -13.90 0.66
C ASP A 43 -22.01 -12.49 1.16
N GLU A 44 -22.00 -12.32 2.47
CA GLU A 44 -22.23 -11.02 3.07
C GLU A 44 -20.89 -10.49 3.58
N MET A 45 -20.62 -9.22 3.30
CA MET A 45 -19.42 -8.54 3.81
C MET A 45 -19.71 -7.55 4.94
N LYS A 46 -20.98 -7.40 5.32
CA LYS A 46 -21.37 -6.43 6.36
C LYS A 46 -20.50 -6.58 7.57
N GLY A 47 -19.85 -5.49 7.95
CA GLY A 47 -18.92 -5.50 9.08
C GLY A 47 -17.49 -5.23 8.65
N ILE A 48 -17.15 -5.62 7.42
CA ILE A 48 -15.82 -5.37 6.87
C ILE A 48 -15.80 -4.04 6.11
N PRO A 49 -14.90 -3.12 6.50
CA PRO A 49 -14.84 -1.83 5.81
C PRO A 49 -14.19 -2.00 4.44
N PRO A 50 -14.52 -1.12 3.47
CA PRO A 50 -13.95 -1.22 2.14
C PRO A 50 -12.42 -1.27 2.17
N GLY A 51 -11.80 -0.44 3.00
CA GLY A 51 -10.33 -0.37 3.07
C GLY A 51 -9.65 -1.66 3.47
N ALA A 52 -10.35 -2.55 4.16
CA ALA A 52 -9.77 -3.82 4.52
C ALA A 52 -9.33 -4.57 3.26
N TYR A 53 -10.17 -4.56 2.22
CA TYR A 53 -9.97 -5.47 1.08
C TYR A 53 -9.75 -4.79 -0.26
N PHE A 54 -9.94 -3.48 -0.29
CA PHE A 54 -9.89 -2.74 -1.53
C PHE A 54 -8.99 -1.51 -1.34
N ASP A 55 -7.90 -1.45 -2.10
CA ASP A 55 -6.87 -0.41 -1.90
C ASP A 55 -7.05 0.86 -2.71
N GLY A 56 -8.18 0.97 -3.41
CA GLY A 56 -8.44 2.10 -4.29
C GLY A 56 -8.33 1.70 -5.75
N ALA A 57 -7.67 0.59 -6.02
CA ALA A 57 -7.33 0.22 -7.40
C ALA A 57 -7.78 -1.19 -7.78
N ASP A 58 -7.65 -2.13 -6.84
CA ASP A 58 -7.93 -3.55 -7.07
C ASP A 58 -8.06 -4.17 -5.68
N TRP A 59 -8.58 -5.40 -5.59
CA TRP A 59 -8.58 -6.11 -4.31
C TRP A 59 -7.18 -6.11 -3.72
N LYS A 60 -7.07 -6.04 -2.40
CA LYS A 60 -5.76 -6.10 -1.76
C LYS A 60 -5.32 -7.55 -1.65
N GLY A 61 -4.90 -8.11 -2.78
CA GLY A 61 -4.52 -9.50 -2.87
C GLY A 61 -5.69 -10.43 -3.18
N ILE A 62 -5.83 -11.44 -2.33
CA ILE A 62 -6.76 -12.55 -2.54
C ILE A 62 -7.51 -12.77 -1.24
N PRO A 63 -8.85 -12.93 -1.31
CA PRO A 63 -9.64 -13.23 -0.12
C PRO A 63 -9.27 -14.61 0.41
N MET A 64 -9.04 -14.73 1.72
CA MET A 64 -8.87 -16.03 2.36
C MET A 64 -9.96 -16.20 3.39
N MET A 65 -10.74 -17.28 3.23
CA MET A 65 -11.84 -17.56 4.12
C MET A 65 -11.65 -18.92 4.80
N ILE A 66 -11.77 -18.96 6.11
CA ILE A 66 -11.60 -20.20 6.89
C ILE A 66 -12.89 -20.54 7.64
N GLY A 67 -13.53 -21.64 7.26
CA GLY A 67 -14.78 -22.05 7.89
C GLY A 67 -14.57 -23.11 8.93
N LEU A 68 -14.58 -22.70 10.20
CA LEU A 68 -14.28 -23.61 11.29
C LEU A 68 -15.54 -24.33 11.74
N PRO A 69 -15.42 -25.61 12.15
CA PRO A 69 -16.55 -26.48 12.47
C PRO A 69 -17.50 -26.00 13.57
N ASP A 70 -17.09 -25.01 14.37
CA ASP A 70 -17.97 -24.37 15.34
C ASP A 70 -18.71 -23.15 14.76
N GLN A 71 -18.69 -23.03 13.43
CA GLN A 71 -19.32 -21.95 12.67
C GLN A 71 -18.64 -20.60 12.82
N LEU A 72 -17.42 -20.61 13.34
CA LEU A 72 -16.57 -19.42 13.34
C LEU A 72 -15.83 -19.30 12.03
N GLN A 73 -16.11 -18.23 11.31
CA GLN A 73 -15.47 -17.97 10.04
C GLN A 73 -14.45 -16.86 10.20
N LEU A 74 -13.33 -17.04 9.52
CA LEU A 74 -12.25 -16.07 9.54
C LEU A 74 -12.11 -15.49 8.14
N PHE A 75 -11.86 -14.19 8.08
CA PHE A 75 -11.57 -13.52 6.83
C PHE A 75 -10.29 -12.71 6.91
N VAL A 76 -9.40 -12.94 5.96
CA VAL A 76 -8.21 -12.13 5.83
C VAL A 76 -7.90 -12.00 4.35
N MET A 77 -7.32 -10.87 3.94
CA MET A 77 -6.73 -10.75 2.60
C MET A 77 -5.31 -11.27 2.67
N VAL A 78 -4.91 -12.03 1.63
CA VAL A 78 -3.56 -12.59 1.56
C VAL A 78 -2.94 -12.27 0.21
N ASP A 79 -1.62 -12.36 0.08
CA ASP A 79 -0.98 -11.94 -1.17
C ASP A 79 -0.83 -13.05 -2.22
N ARG A 80 -1.19 -14.27 -1.84
CA ARG A 80 -0.90 -15.44 -2.66
C ARG A 80 -1.62 -16.70 -2.17
N ARG A 81 -1.81 -17.64 -3.09
CA ARG A 81 -2.34 -18.96 -2.77
C ARG A 81 -1.15 -19.86 -2.54
N ASP A 82 -1.02 -20.36 -1.32
CA ASP A 82 0.15 -21.16 -0.92
C ASP A 82 -0.29 -22.47 -0.29
N THR A 83 0.40 -23.54 -0.65
CA THR A 83 0.03 -24.88 -0.19
C THR A 83 0.63 -25.12 1.19
N PHE A 84 1.72 -24.42 1.48
CA PHE A 84 2.39 -24.54 2.76
C PHE A 84 1.81 -23.55 3.77
N GLY A 85 0.80 -22.80 3.37
CA GLY A 85 0.20 -21.80 4.24
C GLY A 85 1.12 -20.63 4.49
N SER A 86 2.09 -20.44 3.59
CA SER A 86 3.00 -19.30 3.63
C SER A 86 2.46 -18.21 2.73
N GLN A 87 2.15 -17.04 3.33
CA GLN A 87 1.65 -15.86 2.60
C GLN A 87 1.74 -14.61 3.51
N HIS A 88 1.73 -13.43 2.90
CA HIS A 88 1.63 -12.17 3.68
C HIS A 88 0.16 -11.83 3.86
N TYR A 89 -0.22 -11.50 5.09
CA TYR A 89 -1.56 -11.04 5.41
C TYR A 89 -1.66 -9.54 5.17
N LEU A 90 -2.61 -9.14 4.30
CA LEU A 90 -2.67 -7.76 3.82
C LEU A 90 -3.81 -6.94 4.43
N SER A 91 -4.47 -7.51 5.43
CA SER A 91 -5.58 -6.88 6.11
C SER A 91 -5.60 -7.40 7.53
N ASP A 92 -6.31 -6.67 8.40
CA ASP A 92 -6.66 -7.14 9.72
C ASP A 92 -7.55 -8.37 9.55
N VAL A 93 -7.64 -9.19 10.60
CA VAL A 93 -8.39 -10.44 10.57
C VAL A 93 -9.82 -10.16 10.96
N TYR A 94 -10.78 -10.68 10.22
CA TYR A 94 -12.18 -10.52 10.60
C TYR A 94 -12.80 -11.83 11.08
N LEU A 95 -13.63 -11.76 12.12
CA LEU A 95 -14.35 -12.93 12.61
C LEU A 95 -15.86 -12.74 12.51
N ARG A 96 -16.56 -13.84 12.28
CA ARG A 96 -18.01 -13.86 12.23
C ARG A 96 -18.53 -15.21 12.73
N GLN A 97 -19.72 -15.20 13.33
CA GLN A 97 -20.38 -16.42 13.78
C GLN A 97 -21.80 -16.51 13.23
N ALA A 98 -22.75 -16.89 14.09
CA ALA A 98 -24.20 -16.96 13.79
C ALA A 98 -24.51 -17.26 12.32
N GLY A 100 -24.99 -13.15 11.71
CA GLY A 100 -23.64 -12.99 11.21
C GLY A 100 -22.97 -11.71 11.68
N ASP A 101 -22.48 -10.93 10.71
CA ASP A 101 -21.73 -9.66 10.93
C ASP A 101 -20.27 -9.79 11.31
N TRP A 102 -19.40 -9.38 10.39
CA TRP A 102 -17.95 -9.42 10.60
C TRP A 102 -17.51 -8.40 11.64
N GLN A 103 -16.52 -8.79 12.44
CA GLN A 103 -15.98 -7.94 13.50
C GLN A 103 -14.47 -7.99 13.45
N CYS A 104 -13.83 -6.91 13.88
CA CYS A 104 -12.40 -6.92 14.08
C CYS A 104 -12.16 -6.77 15.59
N PRO A 105 -12.07 -7.91 16.31
CA PRO A 105 -11.89 -7.82 17.76
C PRO A 105 -10.48 -7.34 18.13
N ASP A 106 -10.34 -6.84 19.36
CA ASP A 106 -9.01 -6.54 19.90
C ASP A 106 -8.16 -7.81 19.95
N PHE A 107 -6.87 -7.67 20.20
CA PHE A 107 -5.97 -8.82 20.17
C PHE A 107 -6.44 -9.96 21.06
N GLU A 108 -6.69 -9.64 22.33
CA GLU A 108 -7.02 -10.63 23.36
C GLU A 108 -8.31 -11.41 23.08
N PRO A 109 -9.42 -10.69 22.80
CA PRO A 109 -10.66 -11.37 22.41
C PRO A 109 -10.57 -12.18 21.12
N LEU A 110 -9.73 -11.77 20.16
CA LEU A 110 -9.56 -12.54 18.91
C LEU A 110 -8.85 -13.86 19.14
N VAL A 111 -7.67 -13.81 19.78
CA VAL A 111 -6.92 -15.00 20.13
C VAL A 111 -7.79 -16.01 20.88
N ALA A 112 -8.49 -15.56 21.92
CA ALA A 112 -9.32 -16.44 22.72
C ALA A 112 -10.34 -17.20 21.87
N ARG A 113 -10.97 -16.48 20.94
CA ARG A 113 -11.99 -17.04 20.07
C ARG A 113 -11.39 -18.00 19.06
N LEU A 114 -10.22 -17.63 18.52
CA LEU A 114 -9.51 -18.44 17.56
C LEU A 114 -9.00 -19.72 18.22
N LEU A 115 -8.51 -19.58 19.45
CA LEU A 115 -8.01 -20.73 20.20
C LEU A 115 -9.14 -21.67 20.60
N ALA A 116 -10.31 -21.10 20.92
CA ALA A 116 -11.50 -21.89 21.25
C ALA A 116 -12.01 -22.64 20.02
N ALA A 117 -11.72 -22.09 18.85
CA ALA A 117 -12.04 -22.74 17.59
C ALA A 117 -11.19 -23.99 17.41
N CYS A 118 -9.89 -23.87 17.69
CA CYS A 118 -8.97 -25.01 17.59
C CYS A 118 -9.19 -25.99 18.73
N GLU A 119 -9.56 -25.49 19.90
CA GLU A 119 -9.93 -26.36 21.02
C GLU A 119 -11.14 -27.20 20.65
N HIS A 120 -12.05 -26.62 19.88
CA HIS A 120 -13.26 -27.33 19.47
C HIS A 120 -13.01 -28.38 18.38
N ILE A 121 -12.09 -28.08 17.46
CA ILE A 121 -11.65 -29.07 16.48
C ILE A 121 -10.92 -30.20 17.20
N ALA A 122 -9.87 -29.85 17.95
CA ALA A 122 -9.04 -30.83 18.65
C ALA A 122 -9.76 -31.57 19.78
N GLY A 123 -10.88 -31.03 20.24
CA GLY A 123 -11.66 -31.65 21.29
C GLY A 123 -11.06 -31.58 22.69
N ARG A 124 -10.06 -30.73 22.88
CA ARG A 124 -9.40 -30.55 24.18
C ARG A 124 -9.00 -29.08 24.41
N LYS A 125 -9.14 -28.63 25.65
CA LYS A 125 -8.81 -27.27 26.07
C LYS A 125 -7.42 -27.21 26.68
N ASN A 126 -6.78 -26.05 26.54
CA ASN A 126 -5.54 -25.74 27.22
C ASN A 126 -5.58 -24.27 27.67
N PRO A 127 -5.86 -24.04 28.98
CA PRO A 127 -5.93 -22.66 29.49
C PRO A 127 -4.54 -22.07 29.68
N GLU A 128 -3.56 -22.95 29.84
CA GLU A 128 -2.17 -22.60 30.02
C GLU A 128 -1.62 -22.01 28.72
N LEU A 129 -2.07 -22.55 27.60
CA LEU A 129 -1.61 -22.08 26.30
C LEU A 129 -2.09 -20.66 26.04
N TYR A 130 -3.31 -20.34 26.46
CA TYR A 130 -3.83 -18.99 26.27
C TYR A 130 -2.98 -17.94 26.98
N GLU A 131 -2.63 -18.20 28.23
CA GLU A 131 -1.77 -17.29 28.97
C GLU A 131 -0.40 -17.13 28.31
N GLN A 132 0.06 -18.21 27.69
CA GLN A 132 1.36 -18.25 27.02
C GLN A 132 1.36 -17.45 25.72
N ILE A 133 0.24 -17.48 25.00
CA ILE A 133 0.05 -16.64 23.82
C ILE A 133 0.11 -15.15 24.23
N LEU A 134 -0.55 -14.81 25.33
CA LEU A 134 -0.58 -13.43 25.83
C LEU A 134 0.74 -12.95 26.41
N GLN A 135 1.42 -13.82 27.15
CA GLN A 135 2.71 -13.49 27.74
C GLN A 135 3.75 -13.30 26.63
N SER A 136 3.61 -14.10 25.57
CA SER A 136 4.50 -14.04 24.41
C SER A 136 4.36 -12.72 23.69
N GLN A 137 3.12 -12.32 23.50
CA GLN A 137 2.81 -11.11 22.75
C GLN A 137 3.28 -9.90 23.55
N ARG A 138 3.09 -9.94 24.87
CA ARG A 138 3.50 -8.85 25.75
C ARG A 138 5.00 -8.69 25.80
N LEU A 139 5.75 -9.79 25.77
CA LEU A 139 7.22 -9.68 25.66
C LEU A 139 7.64 -9.10 24.31
N VAL A 140 7.07 -9.58 23.22
CA VAL A 140 7.30 -8.96 21.90
C VAL A 140 7.03 -7.43 21.95
N SER A 141 5.96 -7.03 22.63
CA SER A 141 5.65 -5.60 22.79
C SER A 141 6.84 -4.86 23.39
N ALA A 142 7.26 -5.29 24.58
CA ALA A 142 8.48 -4.83 25.24
C ALA A 142 9.73 -4.82 24.37
N ILE A 143 9.90 -5.87 23.58
CA ILE A 143 11.03 -6.00 22.67
C ILE A 143 11.07 -4.95 21.57
N VAL A 144 9.93 -4.69 20.94
CA VAL A 144 9.83 -3.66 19.91
C VAL A 144 9.99 -2.27 20.54
N SER A 145 9.43 -2.06 21.71
CA SER A 145 9.58 -0.78 22.39
C SER A 145 11.07 -0.53 22.67
N HIS A 146 11.80 -1.58 23.04
CA HIS A 146 13.23 -1.44 23.34
C HIS A 146 14.05 -1.24 22.06
N ASN A 147 13.82 -2.13 21.08
CA ASN A 147 14.60 -2.16 19.82
C ASN A 147 14.10 -1.29 18.67
N GLY A 148 12.86 -0.84 18.75
CA GLY A 148 12.18 -0.24 17.61
C GLY A 148 12.59 1.16 17.18
N ARG A 149 13.78 1.59 17.56
CA ARG A 149 14.33 2.84 17.02
C ARG A 149 15.63 2.62 16.22
N GLN A 150 16.21 1.43 16.34
CA GLN A 150 17.37 1.09 15.54
C GLN A 150 16.96 1.08 14.07
N ARG A 151 17.92 1.31 13.19
CA ARG A 151 17.78 0.97 11.78
C ARG A 151 17.26 -0.48 11.74
N ALA A 152 16.39 -0.81 10.80
CA ALA A 152 15.59 -2.07 10.88
C ALA A 152 16.26 -3.36 10.39
N ASP A 153 17.28 -3.22 9.54
CA ASP A 153 18.08 -4.35 9.07
C ASP A 153 19.33 -4.54 9.94
N ALA A 154 19.39 -3.82 11.07
CA ALA A 154 20.46 -3.99 12.05
C ALA A 154 20.75 -5.46 12.38
N PRO A 155 19.71 -6.23 12.74
CA PRO A 155 20.03 -7.66 13.00
C PRO A 155 20.94 -8.36 11.97
N LEU A 156 20.91 -7.92 10.72
CA LEU A 156 21.61 -8.62 9.64
C LEU A 156 23.08 -8.24 9.44
N GLN A 157 23.54 -7.28 10.24
CA GLN A 157 24.87 -6.70 10.10
C GLN A 157 25.95 -7.42 10.87
N HIS A 158 25.58 -8.17 11.90
CA HIS A 158 26.56 -8.77 12.79
C HIS A 158 25.99 -10.07 13.31
N TYR A 159 26.79 -11.15 13.32
CA TYR A 159 26.32 -12.42 13.89
C TYR A 159 25.57 -12.28 15.21
N LEU A 160 26.25 -11.80 16.24
CA LEU A 160 25.59 -11.59 17.54
C LEU A 160 24.29 -10.80 17.40
N GLN A 161 24.19 -9.93 16.41
CA GLN A 161 22.98 -9.12 16.31
C GLN A 161 21.91 -10.00 15.67
N SER A 162 22.33 -10.92 14.83
CA SER A 162 21.40 -11.84 14.20
C SER A 162 20.68 -12.70 15.24
N GLU A 163 21.42 -13.20 16.23
CA GLU A 163 20.87 -14.07 17.29
C GLU A 163 19.99 -13.27 18.26
N GLN A 164 20.39 -12.01 18.50
CA GLN A 164 19.67 -11.08 19.37
C GLN A 164 18.45 -10.44 18.67
N GLY A 165 18.44 -10.43 17.33
CA GLY A 165 17.42 -9.71 16.59
C GLY A 165 16.22 -10.50 16.07
N LEU A 166 16.04 -11.72 16.55
CA LEU A 166 14.89 -12.55 16.14
C LEU A 166 13.69 -12.14 16.99
N TRP A 167 13.22 -10.90 16.77
CA TRP A 167 12.26 -10.26 17.67
C TRP A 167 10.98 -11.04 17.90
N PHE A 168 10.52 -11.77 16.87
CA PHE A 168 9.20 -12.38 16.86
C PHE A 168 9.27 -13.92 17.00
N GLY A 169 10.47 -14.47 16.83
CA GLY A 169 10.73 -15.89 17.10
C GLY A 169 10.27 -16.79 15.98
N HIS A 170 9.97 -18.04 16.32
CA HIS A 170 9.48 -19.01 15.36
C HIS A 170 8.22 -18.44 14.72
N PRO A 171 8.24 -18.18 13.40
CA PRO A 171 7.14 -17.48 12.69
C PRO A 171 5.83 -18.28 12.52
N SER A 172 5.79 -19.50 13.04
CA SER A 172 4.55 -20.23 13.02
C SER A 172 4.42 -20.94 14.35
N HIS A 173 4.25 -20.13 15.38
CA HIS A 173 4.17 -20.62 16.73
C HIS A 173 3.01 -19.90 17.40
N PRO A 174 2.23 -20.61 18.25
CA PRO A 174 1.23 -19.84 18.98
C PRO A 174 1.84 -18.86 19.98
N ALA A 175 3.02 -19.16 20.50
CA ALA A 175 3.66 -18.39 21.56
C ALA A 175 5.19 -18.53 21.56
N PRO A 176 5.87 -18.00 20.53
CA PRO A 176 7.31 -18.25 20.35
C PRO A 176 8.20 -17.60 21.45
N LYS A 177 7.67 -16.60 22.15
CA LYS A 177 8.44 -15.89 23.17
C LYS A 177 8.02 -16.22 24.59
N ALA A 178 7.21 -17.26 24.75
CA ALA A 178 6.85 -17.72 26.07
C ALA A 178 8.05 -18.40 26.69
N ARG A 179 8.44 -17.92 27.86
CA ARG A 179 9.57 -18.46 28.62
C ARG A 179 9.17 -18.32 30.09
N LEU A 180 9.12 -19.43 30.82
CA LEU A 180 8.60 -19.35 32.18
C LEU A 180 9.69 -19.40 33.25
N TRP A 181 10.24 -18.24 33.57
CA TRP A 181 11.33 -18.12 34.53
C TRP A 181 10.77 -18.26 35.92
N PRO A 182 11.60 -18.69 36.89
CA PRO A 182 11.21 -18.67 38.29
C PRO A 182 11.00 -17.24 38.77
N ALA A 183 10.05 -17.05 39.69
CA ALA A 183 9.70 -15.71 40.17
C ALA A 183 10.80 -15.13 41.04
N LEU A 185 12.43 -13.66 38.46
CA LEU A 185 13.76 -13.38 37.92
C LEU A 185 13.76 -12.50 36.67
N GLY A 186 12.57 -12.08 36.23
CA GLY A 186 12.44 -11.16 35.08
C GLY A 186 12.95 -11.66 33.74
N GLN A 187 12.45 -11.06 32.66
CA GLN A 187 12.81 -11.48 31.30
C GLN A 187 14.10 -10.86 30.75
N GLU A 188 14.26 -9.55 30.95
CA GLU A 188 15.30 -8.78 30.26
C GLU A 188 16.72 -9.30 30.42
N GLN A 189 17.09 -9.76 31.62
CA GLN A 189 18.48 -10.12 31.93
C GLN A 189 18.95 -11.37 31.19
N TRP A 190 18.02 -12.16 30.68
CA TRP A 190 18.36 -13.41 30.00
C TRP A 190 17.86 -13.44 28.57
N ALA A 191 17.25 -12.34 28.14
CA ALA A 191 16.66 -12.23 26.80
C ALA A 191 17.69 -11.74 25.78
N PRO A 192 17.94 -12.54 24.73
CA PRO A 192 18.80 -12.06 23.65
C PRO A 192 18.30 -10.71 23.16
N GLU A 193 16.98 -10.63 22.96
CA GLU A 193 16.36 -9.48 22.32
C GLU A 193 16.58 -8.18 23.10
N PHE A 194 17.09 -8.30 24.32
CA PHE A 194 17.49 -7.15 25.13
C PHE A 194 19.00 -7.05 25.25
N GLN A 195 19.70 -7.68 24.31
CA GLN A 195 21.16 -7.69 24.25
C GLN A 195 21.68 -8.02 25.63
N ALA A 196 21.39 -9.23 26.09
CA ALA A 196 21.74 -9.65 27.43
C ALA A 196 23.15 -10.23 27.53
N ARG A 197 23.86 -9.77 28.55
CA ARG A 197 25.14 -10.32 28.92
C ARG A 197 25.03 -10.74 30.38
N ALA A 198 25.81 -11.74 30.74
CA ALA A 198 26.05 -12.08 32.13
C ALA A 198 27.40 -12.77 32.15
N ALA A 199 28.06 -12.72 33.30
CA ALA A 199 29.15 -13.64 33.55
C ALA A 199 28.51 -14.97 33.94
N LEU A 200 28.97 -16.06 33.37
CA LEU A 200 28.39 -17.36 33.74
C LEU A 200 28.66 -17.72 35.20
N HIS A 201 27.66 -18.24 35.90
CA HIS A 201 27.89 -18.76 37.24
C HIS A 201 29.02 -19.79 37.19
N GLN A 202 29.77 -19.94 38.29
CA GLN A 202 30.82 -20.95 38.33
C GLN A 202 30.86 -21.64 39.67
N PHE A 203 31.30 -22.90 39.66
CA PHE A 203 31.49 -23.67 40.86
C PHE A 203 32.86 -24.31 40.81
N GLU A 204 33.50 -24.47 41.97
CA GLU A 204 34.71 -25.29 42.09
C GLU A 204 34.25 -26.69 42.46
N VAL A 205 34.77 -27.69 41.75
CA VAL A 205 34.30 -29.08 41.89
C VAL A 205 35.46 -30.08 41.83
N PRO A 206 35.44 -31.13 42.66
CA PRO A 206 36.62 -32.00 42.62
C PRO A 206 36.69 -32.74 41.29
N VAL A 207 37.90 -33.00 40.82
CA VAL A 207 38.07 -33.59 39.51
C VAL A 207 37.61 -35.05 39.44
N ASP A 208 37.44 -35.68 40.60
CA ASP A 208 37.02 -37.10 40.63
C ASP A 208 35.61 -37.34 40.07
N GLY A 209 34.76 -36.33 40.11
CA GLY A 209 33.39 -36.46 39.63
C GLY A 209 33.10 -35.95 38.21
N LEU A 210 34.13 -35.63 37.46
CA LEU A 210 33.93 -35.05 36.14
C LEU A 210 33.70 -36.12 35.10
N HIS A 211 32.78 -35.83 34.18
CA HIS A 211 32.65 -36.65 32.99
C HIS A 211 32.88 -35.74 31.83
N ILE A 212 33.95 -36.00 31.09
CA ILE A 212 34.38 -35.14 30.02
C ILE A 212 34.49 -35.91 28.73
N GLY A 213 33.86 -35.39 27.68
CA GLY A 213 34.01 -35.91 26.34
C GLY A 213 34.76 -34.87 25.53
N ALA A 214 35.65 -35.35 24.67
CA ALA A 214 36.58 -34.48 23.96
C ALA A 214 36.95 -35.08 22.61
N ASN A 215 36.92 -34.24 21.57
CA ASN A 215 37.36 -34.64 20.24
C ASN A 215 38.34 -33.66 19.65
N GLY A 216 39.61 -34.05 19.66
CA GLY A 216 40.67 -33.22 19.12
C GLY A 216 41.15 -32.25 20.18
N LEU A 217 40.57 -32.37 21.38
CA LEU A 217 41.00 -31.57 22.51
C LEU A 217 41.34 -32.48 23.67
N THR A 218 42.10 -31.95 24.62
CA THR A 218 42.34 -32.60 25.89
C THR A 218 41.20 -32.22 26.82
N PRO A 219 40.88 -33.09 27.81
CA PRO A 219 39.99 -32.70 28.89
C PRO A 219 40.28 -31.35 29.56
N GLN A 220 41.54 -30.97 29.71
CA GLN A 220 41.84 -29.63 30.27
C GLN A 220 41.43 -28.54 29.31
N GLN A 221 41.65 -28.79 28.02
CA GLN A 221 41.32 -27.86 26.95
C GLN A 221 39.80 -27.66 26.88
N VAL A 222 39.08 -28.75 27.06
CA VAL A 222 37.62 -28.70 27.15
C VAL A 222 37.21 -27.88 28.38
N LEU A 223 37.81 -28.14 29.54
CA LEU A 223 37.49 -27.39 30.74
C LEU A 223 37.81 -25.89 30.62
N ASP A 224 38.93 -25.57 29.99
CA ASP A 224 39.33 -24.19 29.72
C ASP A 224 38.37 -23.43 28.83
N GLY A 225 37.76 -24.14 27.91
CA GLY A 225 36.85 -23.55 26.95
C GLY A 225 35.59 -23.04 27.60
N PHE A 226 35.22 -23.69 28.70
CA PHE A 226 34.06 -23.32 29.49
C PHE A 226 34.42 -22.24 30.50
N ALA A 227 35.50 -22.47 31.23
CA ALA A 227 35.89 -21.57 32.30
C ALA A 227 37.41 -21.54 32.39
N ASP A 228 37.95 -20.35 32.65
CA ASP A 228 39.37 -20.23 32.99
C ASP A 228 39.51 -20.96 34.30
N GLN A 229 40.57 -21.75 34.40
CA GLN A 229 40.72 -22.69 35.49
C GLN A 229 41.66 -22.22 36.62
N GLN A 230 42.20 -21.01 36.52
CA GLN A 230 43.14 -20.50 37.54
C GLN A 230 42.62 -20.57 38.98
N PRO A 231 41.37 -20.13 39.24
CA PRO A 231 40.85 -20.17 40.62
C PRO A 231 40.69 -21.57 41.23
N ALA A 232 40.68 -22.61 40.40
CA ALA A 232 40.62 -23.97 40.92
C ALA A 232 41.85 -24.34 41.75
N SER A 233 41.60 -24.89 42.94
CA SER A 233 42.64 -25.45 43.78
C SER A 233 43.07 -26.80 43.21
N PRO A 234 44.20 -27.38 43.67
CA PRO A 234 44.63 -28.71 43.17
C PRO A 234 43.57 -29.78 43.39
N GLY A 235 43.38 -30.65 42.39
CA GLY A 235 42.40 -31.73 42.49
C GLY A 235 40.98 -31.27 42.21
N HIS A 236 40.81 -29.97 41.99
CA HIS A 236 39.53 -29.38 41.62
C HIS A 236 39.59 -28.72 40.25
N ALA A 237 38.42 -28.30 39.76
CA ALA A 237 38.28 -27.63 38.47
C ALA A 237 37.15 -26.63 38.56
N ILE A 238 37.01 -25.80 37.54
CA ILE A 238 35.94 -24.83 37.51
C ILE A 238 34.98 -25.15 36.41
N ILE A 239 33.71 -25.34 36.76
CA ILE A 239 32.65 -25.55 35.77
C ILE A 239 31.76 -24.32 35.73
N CYS A 240 31.06 -24.12 34.60
CA CYS A 240 30.15 -22.98 34.45
C CYS A 240 28.72 -23.43 34.21
N MET A 241 27.82 -22.47 34.20
CA MET A 241 26.41 -22.75 34.26
C MET A 241 25.67 -21.45 34.06
N HIS A 242 24.55 -21.53 33.33
CA HIS A 242 23.64 -20.43 33.18
C HIS A 242 23.30 -19.96 34.59
N PRO A 243 23.39 -18.62 34.85
CA PRO A 243 23.07 -18.07 36.16
C PRO A 243 21.71 -18.46 36.74
N VAL A 244 20.67 -18.50 35.92
CA VAL A 244 19.35 -18.95 36.35
C VAL A 244 19.41 -20.43 36.75
N GLN A 245 20.20 -21.21 36.01
CA GLN A 245 20.38 -22.64 36.32
C GLN A 245 21.04 -22.85 37.69
N ALA A 246 22.16 -22.16 37.92
CA ALA A 246 22.85 -22.20 39.21
C ALA A 246 21.92 -21.93 40.39
N GLN A 247 21.07 -20.91 40.25
CA GLN A 247 20.05 -20.60 41.26
C GLN A 247 19.15 -21.80 41.52
N LEU A 248 18.61 -22.39 40.45
CA LEU A 248 17.77 -23.57 40.56
C LEU A 248 18.57 -24.72 41.15
N PHE A 249 19.79 -24.92 40.63
CA PHE A 249 20.73 -25.94 41.11
C PHE A 249 20.95 -25.85 42.61
N MET A 250 21.29 -24.65 43.09
CA MET A 250 21.57 -24.46 44.51
C MET A 250 20.34 -24.47 45.40
N GLN A 251 19.14 -24.53 44.80
CA GLN A 251 17.91 -24.67 45.57
C GLN A 251 17.73 -26.10 46.08
N ASP A 252 18.45 -27.04 45.48
CA ASP A 252 18.34 -28.45 45.86
C ASP A 252 19.26 -28.76 47.03
N ALA A 253 18.68 -29.29 48.12
CA ALA A 253 19.41 -29.52 49.38
C ALA A 253 20.64 -30.45 49.28
N ARG A 254 20.72 -31.28 48.24
CA ARG A 254 21.92 -32.07 47.94
C ARG A 254 23.12 -31.20 47.52
N VAL A 255 22.84 -30.09 46.84
CA VAL A 255 23.85 -29.12 46.43
C VAL A 255 24.20 -28.26 47.64
N GLN A 256 23.18 -27.93 48.42
CA GLN A 256 23.37 -27.25 49.70
C GLN A 256 24.21 -28.09 50.65
N GLN A 257 24.05 -29.41 50.61
CA GLN A 257 24.87 -30.31 51.42
C GLN A 257 26.34 -30.26 51.01
N LEU A 258 26.61 -30.45 49.74
CA LEU A 258 27.98 -30.37 49.21
C LEU A 258 28.60 -29.00 49.47
N LEU A 259 27.79 -27.95 49.43
CA LEU A 259 28.26 -26.59 49.70
C LEU A 259 28.63 -26.40 51.16
N ARG A 260 27.75 -26.85 52.06
CA ARG A 260 27.99 -26.79 53.50
C ARG A 260 29.23 -27.58 53.86
N ASP A 261 29.32 -28.79 53.31
CA ASP A 261 30.40 -29.72 53.58
C ASP A 261 31.66 -29.42 52.78
N ASN A 262 31.67 -28.28 52.08
CA ASN A 262 32.83 -27.80 51.29
C ASN A 262 33.35 -28.72 50.19
N VAL A 263 32.54 -29.65 49.70
CA VAL A 263 32.97 -30.53 48.61
C VAL A 263 33.05 -29.73 47.31
N ILE A 264 32.06 -28.85 47.12
CA ILE A 264 32.04 -27.92 45.99
C ILE A 264 31.90 -26.48 46.50
N ARG A 265 32.20 -25.50 45.66
CA ARG A 265 32.16 -24.09 46.08
C ARG A 265 31.35 -23.24 45.11
N ASP A 266 30.38 -22.52 45.64
CA ASP A 266 29.72 -21.51 44.86
C ASP A 266 30.74 -20.40 44.67
N LEU A 267 31.23 -20.27 43.44
CA LEU A 267 31.93 -19.06 43.02
C LEU A 267 30.78 -18.27 42.42
N GLY A 268 30.89 -16.97 42.26
CA GLY A 268 29.65 -16.27 41.91
C GLY A 268 29.38 -16.24 40.42
N GLN A 269 28.76 -15.15 39.98
CA GLN A 269 28.83 -14.84 38.58
C GLN A 269 30.23 -14.29 38.32
N SER A 270 31.17 -15.23 38.20
CA SER A 270 32.58 -14.93 38.02
C SER A 270 33.12 -15.49 36.72
N GLY A 271 32.26 -16.20 35.99
CA GLY A 271 32.63 -16.83 34.73
C GLY A 271 32.79 -15.86 33.60
N ARG A 272 33.07 -16.39 32.41
CA ARG A 272 33.25 -15.56 31.23
C ARG A 272 31.96 -14.81 30.99
N VAL A 273 32.11 -13.55 30.58
CA VAL A 273 30.98 -12.70 30.22
C VAL A 273 30.50 -13.05 28.81
N ALA A 274 29.21 -13.37 28.70
CA ALA A 274 28.69 -14.03 27.50
C ALA A 274 27.29 -13.53 27.16
N SER A 275 26.94 -13.56 25.89
CA SER A 275 25.62 -13.15 25.43
C SER A 275 24.79 -14.37 25.05
N PRO A 276 23.58 -14.53 25.60
CA PRO A 276 22.75 -15.63 25.16
C PRO A 276 22.31 -15.50 23.70
N THR A 277 22.19 -16.63 23.02
CA THR A 277 21.73 -16.64 21.66
C THR A 277 20.21 -16.95 21.61
N ALA A 278 19.65 -17.05 20.41
CA ALA A 278 18.21 -17.24 20.24
C ALA A 278 17.69 -18.48 20.96
N SER A 279 18.55 -19.46 21.18
CA SER A 279 18.16 -20.67 21.92
C SER A 279 18.21 -20.49 23.45
N ILE A 280 18.57 -19.29 23.91
CA ILE A 280 18.48 -18.88 25.32
C ILE A 280 19.54 -19.53 26.22
N ARG A 281 19.73 -20.84 26.08
CA ARG A 281 20.69 -21.58 26.91
C ARG A 281 22.08 -21.71 26.29
N THR A 282 22.25 -21.17 25.09
CA THR A 282 23.55 -21.21 24.41
C THR A 282 24.14 -19.80 24.36
N TRP A 283 25.37 -19.68 24.83
CA TRP A 283 25.99 -18.37 25.00
C TRP A 283 27.12 -18.10 24.02
N PHE A 284 27.20 -16.87 23.52
CA PHE A 284 28.24 -16.44 22.60
C PHE A 284 29.24 -15.59 23.35
N ILE A 285 30.52 -15.90 23.21
CA ILE A 285 31.58 -15.01 23.68
C ILE A 285 32.36 -14.58 22.45
N ASP A 286 32.40 -13.27 22.22
CA ASP A 286 33.12 -12.69 21.08
C ASP A 286 34.61 -12.98 21.21
N ASP A 287 35.26 -13.33 20.10
CA ASP A 287 36.69 -13.63 20.10
C ASP A 287 37.04 -14.69 21.16
N HIS A 288 36.26 -15.78 21.17
CA HIS A 288 36.52 -16.97 21.97
C HIS A 288 36.17 -18.12 21.04
N ASP A 289 36.92 -19.21 21.15
CA ASP A 289 36.81 -20.32 20.20
C ASP A 289 35.47 -21.04 20.20
N TYR A 290 34.70 -20.87 21.28
CA TYR A 290 33.50 -21.67 21.49
C TYR A 290 32.29 -20.86 21.92
N PHE A 291 31.12 -21.34 21.51
CA PHE A 291 29.84 -21.08 22.16
C PHE A 291 29.84 -22.01 23.35
N ILE A 292 29.10 -21.64 24.39
CA ILE A 292 28.85 -22.51 25.56
C ILE A 292 27.37 -22.85 25.64
N LYS A 293 27.06 -24.14 25.62
CA LYS A 293 25.69 -24.62 25.64
C LYS A 293 25.41 -25.44 26.90
N GLY A 294 24.63 -24.87 27.81
CA GLY A 294 24.39 -25.46 29.12
C GLY A 294 22.96 -25.87 29.33
N SER A 295 22.71 -26.69 30.35
CA SER A 295 21.37 -27.05 30.73
C SER A 295 20.63 -25.85 31.33
N LEU A 296 19.33 -25.82 31.11
CA LEU A 296 18.49 -24.78 31.66
C LEU A 296 17.13 -25.40 31.93
N ASN A 297 16.90 -25.70 33.21
CA ASN A 297 15.71 -26.38 33.69
C ASN A 297 14.53 -25.41 33.74
N VAL A 298 14.24 -24.80 32.60
CA VAL A 298 13.24 -23.75 32.47
C VAL A 298 12.50 -23.96 31.16
N ARG A 299 11.17 -23.87 31.18
CA ARG A 299 10.39 -24.15 29.97
C ARG A 299 10.40 -23.00 28.95
N ILE A 300 11.25 -23.16 27.94
CA ILE A 300 11.39 -22.21 26.83
C ILE A 300 10.63 -22.73 25.61
N THR A 301 9.61 -21.98 25.19
CA THR A 301 8.67 -22.38 24.12
C THR A 301 8.13 -23.81 24.30
N ASN A 302 7.74 -24.11 25.54
CA ASN A 302 7.18 -25.42 25.93
C ASN A 302 8.16 -26.58 25.73
N CYS A 303 9.36 -26.38 26.25
CA CYS A 303 10.43 -27.37 26.17
C CYS A 303 11.50 -26.95 27.19
N VAL A 304 11.55 -27.68 28.30
CA VAL A 304 12.63 -27.53 29.27
C VAL A 304 13.93 -27.93 28.57
N ARG A 305 14.96 -27.11 28.69
CA ARG A 305 16.21 -27.34 27.97
C ARG A 305 17.29 -28.04 28.81
N LYS A 306 16.95 -29.22 29.33
CA LYS A 306 17.88 -30.10 30.03
C LYS A 306 18.81 -30.78 29.02
N ASN A 307 20.06 -30.95 29.41
CA ASN A 307 20.98 -31.73 28.62
C ASN A 307 21.14 -33.14 29.20
N ALA A 308 20.18 -34.00 28.91
CA ALA A 308 20.19 -35.38 29.42
C ALA A 308 21.56 -36.05 29.27
N TRP A 309 21.91 -36.89 30.24
CA TRP A 309 23.22 -37.59 30.26
C TRP A 309 23.59 -38.34 28.98
N TYR A 310 22.58 -38.90 28.30
CA TYR A 310 22.80 -39.73 27.10
C TYR A 310 22.96 -38.84 25.88
N GLU A 311 22.49 -37.60 25.98
CA GLU A 311 22.70 -36.59 24.96
C GLU A 311 24.12 -36.05 25.02
N LEU A 312 24.57 -35.71 26.22
CA LEU A 312 25.97 -35.36 26.45
C LEU A 312 26.87 -36.43 25.82
N GLU A 313 26.57 -37.69 26.11
CA GLU A 313 27.23 -38.82 25.45
C GLU A 313 27.14 -38.73 23.93
N SER A 314 25.93 -38.76 23.38
CA SER A 314 25.76 -38.76 21.93
C SER A 314 26.46 -37.57 21.24
N THR A 315 26.42 -36.39 21.86
CA THR A 315 27.04 -35.19 21.29
C THR A 315 28.43 -35.51 20.75
N VAL A 316 29.21 -36.20 21.60
CA VAL A 316 30.61 -36.52 21.38
C VAL A 316 30.77 -37.50 20.23
N LEU A 317 29.89 -38.51 20.16
CA LEU A 317 29.90 -39.46 19.03
C LEU A 317 29.58 -38.77 17.72
N ILE A 318 28.58 -37.89 17.74
CA ILE A 318 28.12 -37.22 16.54
C ILE A 318 29.19 -36.28 16.00
N ASP A 319 29.89 -35.61 16.91
CA ASP A 319 31.03 -34.75 16.56
C ASP A 319 32.13 -35.60 15.90
N ARG A 320 32.42 -36.74 16.51
CA ARG A 320 33.40 -37.68 15.97
C ARG A 320 33.02 -38.05 14.55
N LEU A 321 31.74 -38.40 14.34
CA LEU A 321 31.23 -38.76 13.01
C LEU A 321 31.39 -37.64 12.01
N PHE A 322 30.89 -36.46 12.37
CA PHE A 322 30.94 -35.32 11.47
C PHE A 322 32.36 -34.94 11.08
N ARG A 323 33.33 -35.29 11.93
CA ARG A 323 34.74 -35.14 11.58
C ARG A 323 35.21 -36.21 10.58
N GLN A 324 34.92 -37.49 10.84
CA GLN A 324 35.29 -38.57 9.89
C GLN A 324 34.73 -38.27 8.50
N LEU A 325 33.41 -38.08 8.44
CA LEU A 325 32.68 -37.80 7.19
C LEU A 325 33.27 -36.63 6.39
N LEU A 326 33.55 -35.52 7.08
CA LEU A 326 34.16 -34.34 6.47
C LEU A 326 35.58 -34.61 6.04
N ASP A 327 36.32 -35.32 6.87
CA ASP A 327 37.70 -35.64 6.59
C ASP A 327 37.83 -36.65 5.43
N GLN A 328 37.01 -37.71 5.45
CA GLN A 328 37.20 -38.86 4.54
C GLN A 328 36.16 -38.99 3.43
N HIS A 329 35.00 -38.34 3.57
CA HIS A 329 33.84 -38.58 2.72
C HIS A 329 33.28 -37.31 2.09
N ALA A 330 34.15 -36.34 1.85
CA ALA A 330 33.72 -35.02 1.41
C ALA A 330 33.01 -35.05 0.07
N ASP A 331 33.46 -35.91 -0.83
CA ASP A 331 32.84 -36.03 -2.15
C ASP A 331 31.36 -36.40 -2.13
N THR A 332 30.86 -36.85 -0.98
CA THR A 332 29.46 -37.23 -0.87
C THR A 332 28.68 -36.52 0.23
N LEU A 333 29.17 -35.35 0.65
CA LEU A 333 28.52 -34.53 1.66
C LEU A 333 28.00 -33.21 1.09
N GLY A 334 27.93 -33.14 -0.24
CA GLY A 334 27.28 -32.04 -0.93
C GLY A 334 27.62 -30.62 -0.49
N GLY A 335 28.87 -30.40 -0.08
CA GLY A 335 29.35 -29.07 0.34
C GLY A 335 29.11 -28.74 1.81
N LEU A 336 28.92 -29.79 2.61
CA LEU A 336 28.54 -29.63 4.00
C LEU A 336 29.50 -28.76 4.82
N VAL A 337 28.93 -27.81 5.55
CA VAL A 337 29.67 -26.97 6.49
C VAL A 337 28.88 -27.05 7.79
N ALA A 338 29.55 -27.44 8.86
CA ALA A 338 28.87 -27.75 10.10
C ALA A 338 29.68 -27.21 11.25
N ALA A 339 29.02 -26.81 12.33
CA ALA A 339 29.74 -26.36 13.51
C ALA A 339 30.05 -27.56 14.40
N ALA A 340 31.33 -27.74 14.71
CA ALA A 340 31.77 -28.81 15.60
C ALA A 340 31.33 -28.58 17.04
N GLU A 341 30.96 -29.67 17.71
CA GLU A 341 30.73 -29.65 19.15
C GLU A 341 31.79 -30.56 19.79
N PRO A 342 33.02 -30.05 19.95
CA PRO A 342 34.10 -31.00 20.21
C PRO A 342 34.28 -31.35 21.68
N GLY A 343 33.51 -30.73 22.55
CA GLY A 343 33.72 -30.91 23.98
C GLY A 343 32.47 -30.88 24.82
N VAL A 344 32.54 -31.62 25.92
CA VAL A 344 31.39 -31.84 26.80
C VAL A 344 31.92 -32.05 28.21
N VAL A 345 31.33 -31.34 29.17
CA VAL A 345 31.64 -31.55 30.58
C VAL A 345 30.36 -31.84 31.37
N SER A 346 30.46 -32.66 32.40
CA SER A 346 29.40 -32.79 33.38
C SER A 346 30.06 -33.16 34.69
N TRP A 347 29.33 -33.00 35.79
CA TRP A 347 29.88 -33.34 37.10
C TRP A 347 28.82 -33.94 37.99
N SER A 348 29.20 -35.01 38.69
CA SER A 348 28.41 -35.60 39.77
C SER A 348 29.37 -36.08 40.85
N PRO A 349 28.96 -36.08 42.13
CA PRO A 349 29.83 -36.65 43.16
C PRO A 349 30.25 -38.09 42.82
N ALA A 350 31.52 -38.41 43.04
CA ALA A 350 32.06 -39.73 42.71
C ALA A 350 31.30 -40.82 43.46
N ALA A 351 30.86 -40.47 44.65
CA ALA A 351 30.20 -41.38 45.58
C ALA A 351 28.69 -41.50 45.32
N ALA A 352 28.20 -40.73 44.36
CA ALA A 352 26.75 -40.64 44.10
C ALA A 352 26.20 -41.86 43.38
N GLY A 353 25.03 -42.32 43.82
CA GLY A 353 24.29 -43.41 43.17
C GLY A 353 23.75 -42.98 41.81
N GLU A 354 23.23 -43.93 41.02
CA GLU A 354 22.93 -43.70 39.59
C GLU A 354 21.96 -42.55 39.31
N LEU A 355 20.87 -42.48 40.07
CA LEU A 355 19.86 -41.43 39.86
C LEU A 355 20.34 -40.03 40.27
N ASP A 356 21.02 -39.92 41.41
CA ASP A 356 21.70 -38.68 41.80
C ASP A 356 22.74 -38.31 40.76
N SER A 357 23.48 -39.32 40.28
CA SER A 357 24.54 -39.11 39.29
C SER A 357 23.99 -38.48 38.04
N HIS A 358 22.89 -39.03 37.52
CA HIS A 358 22.24 -38.50 36.32
C HIS A 358 21.65 -37.10 36.52
N TRP A 359 21.05 -36.85 37.69
CA TRP A 359 20.48 -35.54 37.97
C TRP A 359 21.57 -34.50 37.98
N PHE A 360 22.67 -34.80 38.68
CA PHE A 360 23.81 -33.89 38.78
C PHE A 360 24.44 -33.52 37.44
N ARG A 361 24.60 -34.51 36.57
CA ARG A 361 25.23 -34.31 35.24
C ARG A 361 24.31 -33.59 34.28
N GLU A 362 23.01 -33.84 34.44
CA GLU A 362 21.98 -33.12 33.72
C GLU A 362 21.92 -31.66 34.13
N GLN A 363 22.25 -31.35 35.38
CA GLN A 363 22.24 -29.96 35.83
C GLN A 363 23.55 -29.27 35.48
N THR A 364 24.64 -30.03 35.44
CA THR A 364 25.96 -29.42 35.22
C THR A 364 26.46 -29.57 33.80
N GLY A 365 25.70 -30.29 32.98
CA GLY A 365 26.02 -30.53 31.57
C GLY A 365 26.29 -29.30 30.73
N GLY A 366 27.38 -29.33 30.00
CA GLY A 366 27.72 -28.27 29.09
C GLY A 366 28.37 -28.83 27.84
N ILE A 367 28.07 -28.20 26.72
CA ILE A 367 28.61 -28.56 25.42
C ILE A 367 29.38 -27.37 24.86
N LEU A 368 30.59 -27.62 24.36
CA LEU A 368 31.35 -26.66 23.58
C LEU A 368 30.90 -26.71 22.13
N ARG A 369 30.49 -25.58 21.55
CA ARG A 369 30.25 -25.52 20.12
C ARG A 369 31.26 -24.58 19.48
N GLU A 370 31.86 -25.05 18.40
CA GLU A 370 32.84 -24.25 17.71
C GLU A 370 32.21 -22.93 17.35
N ASN A 371 32.85 -21.85 17.77
CA ASN A 371 32.46 -20.54 17.31
C ASN A 371 32.91 -20.29 15.88
N PHE A 372 32.00 -20.50 14.94
CA PHE A 372 32.33 -20.43 13.53
C PHE A 372 32.75 -19.04 13.08
N CYS A 373 32.44 -18.03 13.88
CA CYS A 373 32.81 -16.66 13.53
C CYS A 373 34.30 -16.50 13.32
N ARG A 374 35.09 -17.29 14.05
CA ARG A 374 36.55 -17.29 13.86
C ARG A 374 36.90 -17.60 12.40
N ARG A 375 36.34 -18.69 11.86
CA ARG A 375 36.54 -19.04 10.45
C ARG A 375 35.88 -18.02 9.52
N THR A 376 34.68 -17.60 9.90
CA THR A 376 33.76 -16.97 8.94
C THR A 376 33.60 -15.45 9.06
N GLY A 377 34.06 -14.88 10.16
CA GLY A 377 33.92 -13.44 10.38
C GLY A 377 32.52 -13.08 10.82
N ALA A 378 32.44 -12.41 11.95
CA ALA A 378 31.15 -12.07 12.57
C ALA A 378 30.28 -11.19 11.69
N GLU A 379 30.92 -10.40 10.82
CA GLU A 379 30.21 -9.49 9.93
C GLU A 379 29.71 -10.21 8.70
N ARG A 380 30.06 -11.49 8.60
CA ARG A 380 29.71 -12.30 7.43
C ARG A 380 28.76 -13.48 7.73
N SER A 381 28.42 -13.68 9.00
CA SER A 381 27.50 -14.76 9.39
C SER A 381 26.23 -14.20 10.00
N ILE A 382 25.10 -14.66 9.50
CA ILE A 382 23.80 -14.21 9.93
C ILE A 382 23.01 -15.49 10.23
N MET A 383 22.45 -15.60 11.44
CA MET A 383 21.57 -16.71 11.73
C MET A 383 20.39 -16.61 10.77
N ALA A 384 20.03 -17.72 10.14
CA ALA A 384 19.09 -17.73 9.02
C ALA A 384 17.67 -17.36 9.40
N GLY A 385 17.26 -17.74 10.61
CA GLY A 385 15.94 -17.40 11.12
C GLY A 385 15.69 -15.91 11.07
N THR A 386 16.68 -15.14 11.52
CA THR A 386 16.62 -13.66 11.47
C THR A 386 16.78 -13.24 10.02
N LEU A 387 17.51 -14.04 9.23
CA LEU A 387 17.82 -13.63 7.88
C LEU A 387 16.56 -13.48 7.07
N PHE A 388 15.48 -14.07 7.55
CA PHE A 388 14.29 -14.18 6.75
C PHE A 388 13.09 -13.81 7.59
N ALA A 389 13.35 -13.00 8.61
CA ALA A 389 12.37 -12.60 9.58
C ALA A 389 12.02 -11.15 9.32
N ARG A 390 11.07 -10.60 10.07
CA ARG A 390 10.63 -9.21 9.92
C ARG A 390 11.36 -8.34 10.93
N GLY A 391 11.57 -7.07 10.62
CA GLY A 391 12.26 -6.16 11.52
C GLY A 391 11.32 -5.42 12.43
N VAL A 392 11.84 -4.44 13.18
CA VAL A 392 11.00 -3.58 14.04
C VAL A 392 9.79 -2.96 13.31
N ASP A 393 9.94 -2.76 12.00
CA ASP A 393 8.89 -2.14 11.18
C ASP A 393 8.09 -3.17 10.38
N LEU A 394 8.19 -4.44 10.77
CA LEU A 394 7.41 -5.54 10.20
C LEU A 394 7.65 -5.83 8.73
N GLN A 395 8.78 -5.34 8.20
CA GLN A 395 9.20 -5.64 6.84
C GLN A 395 10.29 -6.67 6.87
N PRO A 396 10.38 -7.51 5.83
CA PRO A 396 11.51 -8.43 5.76
C PRO A 396 12.85 -7.68 5.72
N MET A 397 13.81 -8.16 6.51
CA MET A 397 15.07 -7.46 6.68
C MET A 397 15.99 -7.67 5.49
N ILE A 398 15.79 -8.80 4.81
CA ILE A 398 16.65 -9.25 3.71
C ILE A 398 16.68 -8.28 2.53
N GLN A 399 15.59 -7.52 2.34
CA GLN A 399 15.44 -6.62 1.19
C GLN A 399 16.40 -5.44 1.26
N THR A 400 16.28 -4.61 2.30
CA THR A 400 17.22 -3.51 2.48
C THR A 400 18.64 -4.01 2.74
N PHE A 401 18.77 -5.16 3.40
CA PHE A 401 20.07 -5.80 3.61
C PHE A 401 20.81 -5.98 2.29
N LEU A 402 20.18 -6.71 1.37
CA LEU A 402 20.70 -6.92 0.02
C LEU A 402 20.89 -5.64 -0.80
N ARG A 403 19.90 -4.74 -0.75
CA ARG A 403 19.97 -3.47 -1.47
C ARG A 403 21.29 -2.77 -1.14
N THR A 404 21.64 -2.77 0.14
CA THR A 404 22.90 -2.19 0.61
C THR A 404 24.12 -2.90 0.01
N HIS A 405 24.13 -4.23 0.02
CA HIS A 405 25.30 -4.97 -0.46
C HIS A 405 25.49 -4.93 -1.97
N TYR A 406 24.39 -4.92 -2.71
CA TYR A 406 24.42 -4.93 -4.17
C TYR A 406 24.64 -3.56 -4.78
N GLY A 407 24.07 -2.53 -4.16
CA GLY A 407 24.28 -1.14 -4.58
C GLY A 407 23.03 -0.53 -5.19
N GLU A 408 21.98 -1.34 -5.25
CA GLU A 408 20.72 -0.94 -5.87
C GLU A 408 19.67 -1.96 -5.47
N ALA A 409 18.41 -1.55 -5.43
CA ALA A 409 17.32 -2.47 -5.12
C ALA A 409 17.34 -3.63 -6.11
N LEU A 410 17.24 -4.83 -5.57
CA LEU A 410 17.32 -6.03 -6.36
C LEU A 410 16.06 -6.17 -7.17
N ASP A 411 16.20 -6.34 -8.48
CA ASP A 411 15.05 -6.66 -9.33
C ASP A 411 14.64 -8.13 -9.19
N ASP A 412 13.61 -8.55 -9.93
CA ASP A 412 13.16 -9.94 -9.91
C ASP A 412 14.33 -10.91 -10.12
N ASN A 413 15.09 -10.70 -11.19
CA ASN A 413 16.19 -11.59 -11.57
C ASN A 413 17.31 -11.71 -10.54
N ALA A 414 17.64 -10.59 -9.89
CA ALA A 414 18.65 -10.59 -8.84
C ALA A 414 18.16 -11.35 -7.63
N LEU A 415 16.88 -11.22 -7.33
CA LEU A 415 16.28 -11.97 -6.23
C LEU A 415 16.28 -13.49 -6.48
N LEU A 416 16.04 -13.87 -7.73
CA LEU A 416 15.98 -15.28 -8.13
C LEU A 416 17.37 -15.89 -8.17
N TYR A 417 18.33 -15.07 -8.58
CA TYR A 417 19.72 -15.48 -8.56
C TYR A 417 20.10 -15.76 -7.11
N TRP A 418 19.85 -14.78 -6.23
CA TRP A 418 20.17 -14.91 -4.80
C TRP A 418 19.52 -16.11 -4.15
N PHE A 419 18.27 -16.40 -4.51
CA PHE A 419 17.58 -17.55 -3.94
C PHE A 419 18.21 -18.85 -4.38
N ASP A 420 18.69 -18.88 -5.61
CA ASP A 420 19.31 -20.08 -6.14
C ASP A 420 20.63 -20.36 -5.44
N ASP A 421 21.45 -19.33 -5.26
CA ASP A 421 22.74 -19.46 -4.56
C ASP A 421 22.51 -19.96 -3.15
N TYR A 422 21.39 -19.56 -2.56
CA TYR A 422 21.08 -19.95 -1.18
C TYR A 422 20.57 -21.39 -1.02
N GLN A 423 19.54 -21.73 -1.77
CA GLN A 423 18.87 -23.02 -1.58
C GLN A 423 19.76 -24.22 -1.92
N THR A 424 20.60 -24.10 -2.95
CA THR A 424 21.53 -25.17 -3.30
C THR A 424 22.50 -25.50 -2.17
N ARG A 425 22.88 -24.49 -1.40
CA ARG A 425 23.86 -24.68 -0.35
C ARG A 425 23.19 -25.30 0.85
N LEU A 426 21.88 -25.16 0.94
CA LEU A 426 21.13 -25.75 2.02
C LEU A 426 20.71 -27.18 1.63
N LEU A 427 20.21 -27.33 0.42
CA LEU A 427 19.61 -28.61 0.04
C LEU A 427 20.62 -29.75 -0.18
N ARG A 428 21.72 -29.45 -0.86
CA ARG A 428 22.79 -30.40 -1.08
C ARG A 428 23.41 -31.09 0.16
N PRO A 429 23.92 -30.32 1.14
CA PRO A 429 24.46 -30.91 2.37
C PRO A 429 23.49 -31.87 3.07
N VAL A 430 22.30 -31.38 3.40
CA VAL A 430 21.28 -32.17 4.11
C VAL A 430 20.90 -33.46 3.37
N LEU A 431 20.63 -33.32 2.07
CA LEU A 431 20.18 -34.41 1.24
C LEU A 431 21.28 -35.40 0.91
N SER A 432 22.51 -34.93 0.87
CA SER A 432 23.65 -35.80 0.71
C SER A 432 23.93 -36.60 1.96
N LEU A 433 23.95 -35.93 3.10
CA LEU A 433 23.97 -36.60 4.40
C LEU A 433 22.88 -37.64 4.54
N PHE A 434 21.62 -37.24 4.30
CA PHE A 434 20.51 -38.14 4.52
C PHE A 434 20.65 -39.41 3.67
N PHE A 435 20.71 -39.24 2.35
CA PHE A 435 20.61 -40.36 1.42
C PHE A 435 21.96 -41.05 1.21
N ASN A 436 23.05 -40.31 1.39
CA ASN A 436 24.37 -40.92 1.27
C ASN A 436 24.85 -41.57 2.57
N HIS A 437 24.39 -41.10 3.74
CA HIS A 437 25.01 -41.54 5.00
C HIS A 437 24.08 -41.90 6.17
N GLY A 438 22.79 -41.62 6.05
CA GLY A 438 21.84 -41.79 7.16
C GLY A 438 21.92 -40.66 8.21
N VAL A 439 22.66 -39.61 7.92
CA VAL A 439 22.73 -38.50 8.91
C VAL A 439 21.48 -37.68 8.71
N VAL A 440 20.62 -37.68 9.73
CA VAL A 440 19.43 -36.84 9.70
C VAL A 440 19.80 -35.55 10.42
N MET A 441 19.87 -34.46 9.68
CA MET A 441 20.05 -33.16 10.32
C MET A 441 18.71 -32.69 10.78
N GLU A 442 18.70 -31.55 11.47
CA GLU A 442 17.49 -30.81 11.72
C GLU A 442 17.81 -29.39 11.24
N PRO A 443 17.72 -29.14 9.91
CA PRO A 443 18.21 -27.93 9.31
C PRO A 443 17.15 -26.84 9.26
N HIS A 444 16.40 -26.69 10.33
CA HIS A 444 15.44 -25.63 10.40
C HIS A 444 16.16 -24.25 10.49
N LEU A 445 15.39 -23.17 10.50
CA LEU A 445 15.94 -21.81 10.43
C LEU A 445 17.01 -21.51 11.48
N GLN A 446 16.74 -21.84 12.73
CA GLN A 446 17.63 -21.55 13.83
C GLN A 446 18.90 -22.44 13.89
N ASN A 447 18.87 -23.59 13.22
CA ASN A 447 20.04 -24.49 13.14
C ASN A 447 20.92 -24.15 11.94
N SER A 448 20.56 -23.06 11.24
CA SER A 448 21.21 -22.67 9.99
C SER A 448 21.76 -21.25 10.04
N VAL A 449 22.98 -21.05 9.53
CA VAL A 449 23.66 -19.75 9.58
C VAL A 449 24.24 -19.36 8.22
N LEU A 450 23.61 -18.43 7.52
CA LEU A 450 24.23 -17.99 6.27
C LEU A 450 25.60 -17.36 6.47
N VAL A 451 26.57 -17.85 5.70
CA VAL A 451 27.86 -17.22 5.56
C VAL A 451 27.86 -16.59 4.18
N HIS A 452 28.12 -15.28 4.13
CA HIS A 452 27.99 -14.49 2.91
C HIS A 452 29.18 -13.57 2.67
N GLN A 453 29.43 -13.21 1.40
CA GLN A 453 30.45 -12.24 1.04
C GLN A 453 29.82 -11.08 0.26
N GLN A 454 29.63 -9.96 0.93
CA GLN A 454 28.93 -8.81 0.33
C GLN A 454 27.52 -9.21 -0.13
N GLY A 455 26.81 -9.89 0.76
CA GLY A 455 25.44 -10.30 0.52
C GLY A 455 25.29 -11.60 -0.21
N ARG A 456 26.37 -12.05 -0.87
CA ARG A 456 26.32 -13.26 -1.72
C ARG A 456 26.48 -14.58 -0.92
N PRO A 457 25.51 -15.50 -1.03
CA PRO A 457 25.63 -16.71 -0.21
C PRO A 457 26.91 -17.48 -0.50
N GLN A 458 27.72 -17.73 0.54
CA GLN A 458 28.92 -18.55 0.42
C GLN A 458 28.68 -19.96 0.95
N GLN A 459 28.19 -20.06 2.18
CA GLN A 459 27.88 -21.33 2.81
C GLN A 459 26.65 -21.11 3.65
N VAL A 460 25.87 -22.17 3.81
CA VAL A 460 24.84 -22.21 4.86
C VAL A 460 25.31 -23.21 5.90
N LEU A 461 25.90 -22.66 6.96
CA LEU A 461 26.46 -23.45 8.06
C LEU A 461 25.34 -24.12 8.84
N LEU A 462 25.55 -25.36 9.24
CA LEU A 462 24.51 -26.12 9.95
C LEU A 462 24.99 -26.44 11.34
N ARG A 463 24.09 -26.55 12.31
CA ARG A 463 24.57 -26.86 13.64
C ARG A 463 23.55 -27.61 14.47
N ASP A 464 24.00 -28.08 15.62
CA ASP A 464 23.19 -28.59 16.70
C ASP A 464 23.10 -30.09 16.54
N PHE A 465 23.95 -30.80 17.27
CA PHE A 465 24.11 -32.25 17.12
C PHE A 465 23.11 -32.99 17.97
N GLU A 466 22.44 -32.23 18.85
CA GLU A 466 21.44 -32.77 19.75
C GLU A 466 20.27 -33.32 18.97
N GLY A 467 19.91 -32.64 17.89
CA GLY A 467 18.81 -33.10 17.03
C GLY A 467 19.25 -33.86 15.79
N VAL A 468 20.47 -34.40 15.82
CA VAL A 468 21.01 -35.13 14.70
C VAL A 468 20.71 -36.60 14.99
N LYS A 469 20.14 -37.30 14.01
CA LYS A 469 19.74 -38.70 14.22
C LYS A 469 20.44 -39.57 13.20
N LEU A 470 20.34 -40.89 13.41
CA LEU A 470 21.02 -41.86 12.55
C LEU A 470 20.05 -42.99 12.19
N THR A 471 19.82 -43.18 10.89
CA THR A 471 18.71 -44.04 10.45
C THR A 471 19.08 -45.50 10.63
N ASP A 472 18.11 -46.28 11.11
CA ASP A 472 18.31 -47.70 11.40
C ASP A 472 18.81 -48.56 10.24
N ASP A 473 18.58 -48.11 9.01
CA ASP A 473 18.91 -48.90 7.83
C ASP A 473 20.28 -48.55 7.22
N LEU A 474 20.83 -47.39 7.57
CA LEU A 474 22.13 -47.00 6.99
C LEU A 474 23.01 -46.21 7.97
N GLY A 475 22.52 -45.08 8.46
CA GLY A 475 23.27 -44.24 9.41
C GLY A 475 23.68 -44.90 10.71
N ILE A 476 22.87 -45.85 11.17
CA ILE A 476 23.12 -46.54 12.43
C ILE A 476 24.48 -47.24 12.48
N ARG A 477 25.00 -47.62 11.31
CA ARG A 477 26.20 -48.46 11.30
C ARG A 477 27.49 -47.68 11.49
N TYR A 478 27.34 -46.37 11.73
CA TYR A 478 28.46 -45.55 12.17
C TYR A 478 28.65 -45.66 13.69
N ILE A 479 27.60 -46.06 14.40
CA ILE A 479 27.68 -46.30 15.84
C ILE A 479 28.32 -47.64 16.18
N ASP A 480 29.28 -47.62 17.09
CA ASP A 480 29.88 -48.84 17.63
C ASP A 480 28.85 -49.64 18.42
N ASP A 481 28.77 -50.94 18.13
CA ASP A 481 27.86 -51.86 18.82
C ASP A 481 28.14 -51.99 20.33
N ASP A 482 29.18 -51.28 20.80
CA ASP A 482 29.59 -51.28 22.21
C ASP A 482 29.04 -50.06 22.96
N ILE A 483 28.44 -49.13 22.22
CA ILE A 483 27.83 -47.93 22.78
C ILE A 483 26.63 -48.27 23.67
N HIS A 484 26.52 -47.61 24.83
CA HIS A 484 25.39 -47.82 25.74
C HIS A 484 24.05 -47.79 25.00
N PRO A 485 23.17 -48.80 25.24
CA PRO A 485 21.89 -48.93 24.56
C PRO A 485 21.01 -47.68 24.64
N ARG A 486 21.09 -46.94 25.74
CA ARG A 486 20.32 -45.71 25.91
C ARG A 486 20.79 -44.57 25.00
N VAL A 487 22.09 -44.53 24.73
CA VAL A 487 22.64 -43.56 23.78
C VAL A 487 22.24 -43.96 22.36
N ARG A 488 22.28 -45.26 22.10
CA ARG A 488 21.94 -45.83 20.79
C ARG A 488 20.47 -45.56 20.46
N GLN A 489 19.60 -45.71 21.45
CA GLN A 489 18.18 -45.47 21.30
C GLN A 489 17.95 -43.98 21.03
N SER A 490 18.66 -43.15 21.80
CA SER A 490 18.65 -41.70 21.63
C SER A 490 19.00 -41.25 20.21
N LEU A 491 19.91 -41.96 19.55
CA LEU A 491 20.37 -41.57 18.21
C LEU A 491 19.51 -42.10 17.09
N LEU A 492 18.96 -43.29 17.30
CA LEU A 492 18.32 -44.05 16.24
C LEU A 492 16.99 -43.44 15.80
N TYR A 493 16.86 -43.20 14.49
CA TYR A 493 15.59 -42.85 13.83
C TYR A 493 15.27 -43.85 12.74
N SER A 494 13.99 -44.05 12.45
CA SER A 494 13.60 -44.84 11.27
C SER A 494 13.83 -43.96 10.04
N ARG A 495 14.01 -44.57 8.87
CA ARG A 495 14.15 -43.80 7.64
C ARG A 495 12.97 -42.85 7.41
N GLU A 496 11.77 -43.35 7.67
CA GLU A 496 10.55 -42.57 7.47
C GLU A 496 10.46 -41.43 8.48
N GLN A 497 10.93 -41.70 9.70
CA GLN A 497 10.94 -40.76 10.82
C GLN A 497 11.94 -39.64 10.50
N GLY A 498 13.12 -40.01 10.03
CA GLY A 498 14.11 -39.04 9.58
C GLY A 498 13.65 -38.19 8.41
N TRP A 499 13.08 -38.85 7.42
CA TRP A 499 12.62 -38.14 6.24
C TRP A 499 11.45 -37.19 6.48
N ASN A 500 10.54 -37.56 7.38
CA ASN A 500 9.45 -36.68 7.77
C ASN A 500 10.02 -35.40 8.38
N ARG A 501 10.99 -35.53 9.29
CA ARG A 501 11.67 -34.36 9.87
C ARG A 501 12.45 -33.53 8.85
N ILE A 502 13.12 -34.21 7.93
CA ILE A 502 13.87 -33.55 6.88
C ILE A 502 12.94 -32.78 5.93
N MET A 503 11.85 -33.42 5.49
CA MET A 503 10.75 -32.75 4.77
C MET A 503 10.29 -31.45 5.45
N TYR A 504 9.88 -31.54 6.71
CA TYR A 504 9.34 -30.39 7.42
C TYR A 504 10.37 -29.27 7.43
N CYS A 505 11.48 -29.49 8.13
CA CYS A 505 12.54 -28.53 8.30
C CYS A 505 12.97 -27.87 7.02
N LEU A 506 13.25 -28.67 6.00
CA LEU A 506 13.80 -28.10 4.77
C LEU A 506 12.83 -27.23 4.00
N PHE A 507 11.61 -27.71 3.79
CA PHE A 507 10.77 -27.04 2.80
C PHE A 507 9.79 -26.13 3.45
N ILE A 508 9.16 -26.63 4.50
CA ILE A 508 8.14 -25.92 5.22
C ILE A 508 8.73 -24.89 6.22
N ASN A 509 9.58 -25.35 7.14
CA ASN A 509 10.12 -24.44 8.19
C ASN A 509 11.12 -23.45 7.64
N HIS A 510 11.87 -23.86 6.64
CA HIS A 510 13.04 -23.13 6.22
C HIS A 510 12.80 -22.44 4.87
N LEU A 511 12.82 -23.20 3.79
CA LEU A 511 12.73 -22.64 2.44
C LEU A 511 11.45 -21.85 2.16
N SER A 512 10.32 -22.30 2.72
CA SER A 512 9.07 -21.58 2.55
C SER A 512 9.19 -20.14 3.08
N GLU A 513 9.88 -19.99 4.21
CA GLU A 513 10.13 -18.70 4.84
C GLU A 513 11.11 -17.85 4.04
N THR A 514 12.17 -18.50 3.54
CA THR A 514 13.14 -17.90 2.63
C THR A 514 12.41 -17.22 1.49
N ILE A 515 11.57 -17.99 0.83
CA ILE A 515 10.84 -17.58 -0.37
C ILE A 515 9.83 -16.48 -0.08
N LEU A 516 9.17 -16.56 1.04
CA LEU A 516 8.14 -15.60 1.36
C LEU A 516 8.76 -14.24 1.69
N ALA A 517 9.95 -14.23 2.29
CA ALA A 517 10.66 -12.99 2.64
C ALA A 517 11.30 -12.30 1.44
N LEU A 518 11.83 -13.09 0.51
CA LEU A 518 12.48 -12.57 -0.67
C LEU A 518 11.46 -12.10 -1.68
N SER A 519 10.20 -12.44 -1.48
CA SER A 519 9.20 -12.17 -2.51
C SER A 519 8.04 -11.37 -1.98
N GLN A 520 8.21 -10.81 -0.79
CA GLN A 520 7.33 -9.75 -0.30
C GLN A 520 7.20 -8.76 -1.43
N GLY A 521 5.98 -8.28 -1.68
CA GLY A 521 5.70 -7.29 -2.72
C GLY A 521 5.75 -7.82 -4.13
N ARG A 522 6.24 -9.06 -4.27
CA ARG A 522 6.40 -9.73 -5.58
C ARG A 522 5.96 -11.22 -5.52
N PRO A 523 4.68 -11.47 -5.15
CA PRO A 523 4.24 -12.86 -4.95
C PRO A 523 4.51 -13.74 -6.15
N GLN A 524 4.63 -13.13 -7.33
CA GLN A 524 4.80 -13.89 -8.58
C GLN A 524 6.10 -14.71 -8.62
N LEU A 525 7.06 -14.36 -7.75
CA LEU A 525 8.33 -15.04 -7.67
C LEU A 525 8.22 -16.42 -7.05
N ALA A 526 7.21 -16.64 -6.22
CA ALA A 526 7.09 -17.85 -5.43
C ALA A 526 6.97 -19.10 -6.30
N PRO A 527 5.98 -19.13 -7.22
CA PRO A 527 5.99 -20.27 -8.15
C PRO A 527 7.34 -20.47 -8.86
N LEU A 528 8.05 -19.39 -9.16
CA LEU A 528 9.33 -19.47 -9.87
C LEU A 528 10.45 -20.04 -8.99
N MET A 529 10.47 -19.64 -7.73
CA MET A 529 11.45 -20.12 -6.76
C MET A 529 11.24 -21.59 -6.40
N TRP A 530 9.98 -21.94 -6.17
CA TRP A 530 9.61 -23.29 -5.87
C TRP A 530 9.95 -24.26 -7.00
N ARG A 531 9.72 -23.84 -8.23
CA ARG A 531 10.07 -24.63 -9.42
C ARG A 531 11.57 -24.94 -9.50
N ARG A 532 12.37 -23.96 -9.09
CA ARG A 532 13.82 -24.07 -9.00
C ARG A 532 14.23 -25.06 -7.89
N VAL A 533 13.43 -25.13 -6.84
CA VAL A 533 13.66 -26.12 -5.79
C VAL A 533 13.40 -27.52 -6.40
N GLN A 534 12.24 -27.72 -7.03
CA GLN A 534 11.95 -29.00 -7.71
C GLN A 534 13.13 -29.39 -8.57
N GLN A 535 13.46 -28.56 -9.55
CA GLN A 535 14.63 -28.74 -10.41
C GLN A 535 15.91 -29.09 -9.65
N GLN A 536 16.17 -28.38 -8.55
CA GLN A 536 17.35 -28.64 -7.75
C GLN A 536 17.32 -30.02 -7.08
N LEU A 537 16.13 -30.48 -6.72
CA LEU A 537 15.99 -31.80 -6.14
C LEU A 537 16.39 -32.82 -7.18
N ARG A 538 15.93 -32.63 -8.41
CA ARG A 538 16.32 -33.50 -9.55
C ARG A 538 17.83 -33.58 -9.74
N ALA A 539 18.50 -32.43 -9.58
CA ALA A 539 19.94 -32.35 -9.75
C ALA A 539 20.64 -33.14 -8.65
N ILE A 540 20.18 -33.01 -7.42
CA ILE A 540 20.75 -33.78 -6.30
C ILE A 540 20.55 -35.29 -6.51
N GLN A 541 19.43 -35.68 -7.09
CA GLN A 541 19.10 -37.09 -7.21
C GLN A 541 20.15 -37.81 -8.04
N GLY A 542 20.59 -37.20 -9.13
CA GLY A 542 21.61 -37.76 -10.01
C GLY A 542 23.02 -37.64 -9.49
N GLU A 543 23.17 -36.89 -8.40
CA GLU A 543 24.43 -36.70 -7.70
C GLU A 543 24.64 -37.84 -6.70
N LEU A 544 23.57 -38.59 -6.41
CA LEU A 544 23.48 -39.45 -5.21
C LEU A 544 24.01 -40.87 -5.38
N LYS A 545 24.75 -41.33 -4.37
CA LYS A 545 25.38 -42.66 -4.40
C LYS A 545 24.49 -43.79 -3.88
N GLN A 546 23.42 -43.40 -3.19
CA GLN A 546 22.40 -44.33 -2.70
C GLN A 546 21.03 -44.02 -3.33
N PRO A 547 20.12 -45.02 -3.39
CA PRO A 547 18.80 -44.80 -4.00
C PRO A 547 17.95 -43.94 -3.07
N SER A 548 16.99 -43.22 -3.65
CA SER A 548 16.27 -42.15 -2.93
C SER A 548 14.79 -42.08 -3.33
N PRO A 549 14.00 -43.16 -3.03
CA PRO A 549 12.62 -43.17 -3.50
C PRO A 549 11.79 -42.02 -2.92
N GLU A 550 12.28 -41.43 -1.82
CA GLU A 550 11.56 -40.37 -1.15
C GLU A 550 11.71 -39.04 -1.85
N LEU A 551 12.77 -38.93 -2.64
CA LEU A 551 13.00 -37.76 -3.47
C LEU A 551 12.11 -37.85 -4.71
N ASP A 552 12.04 -39.05 -5.30
CA ASP A 552 11.11 -39.32 -6.37
C ASP A 552 9.74 -38.84 -6.02
N ALA A 553 9.30 -39.16 -4.80
CA ALA A 553 7.95 -38.86 -4.35
C ALA A 553 7.76 -37.35 -4.14
N LEU A 554 8.79 -36.66 -3.74
CA LEU A 554 8.66 -35.24 -3.43
C LEU A 554 8.71 -34.40 -4.72
N ILE A 555 9.65 -34.73 -5.61
CA ILE A 555 9.70 -34.13 -6.94
C ILE A 555 8.38 -34.34 -7.69
N ALA A 556 7.84 -35.55 -7.63
CA ALA A 556 6.57 -35.88 -8.29
C ALA A 556 5.35 -35.11 -7.76
N GLY A 557 5.36 -34.76 -6.47
CA GLY A 557 4.30 -33.94 -5.91
C GLY A 557 3.46 -34.47 -4.75
N HIS A 558 3.86 -35.58 -4.14
CA HIS A 558 3.26 -36.10 -2.89
C HIS A 558 3.20 -35.00 -1.81
N PRO A 559 2.17 -35.00 -0.93
CA PRO A 559 2.11 -34.12 0.25
C PRO A 559 3.37 -34.09 1.11
N VAL A 560 3.66 -32.93 1.72
CA VAL A 560 4.85 -32.75 2.53
C VAL A 560 4.47 -32.87 4.01
N ALA A 561 5.31 -33.54 4.82
CA ALA A 561 5.11 -33.63 6.27
C ALA A 561 5.32 -32.27 6.90
N CYS A 562 4.48 -31.89 7.85
CA CYS A 562 4.58 -30.61 8.55
C CYS A 562 4.40 -30.77 10.05
N LYS A 563 5.46 -30.46 10.80
CA LYS A 563 5.44 -30.45 12.27
C LYS A 563 4.42 -29.42 12.79
N THR A 564 3.69 -29.75 13.86
CA THR A 564 2.71 -28.83 14.46
C THR A 564 3.19 -28.14 15.75
N ASN A 565 2.82 -26.87 15.92
CA ASN A 565 3.17 -26.13 17.14
C ASN A 565 1.97 -25.69 17.97
N LEU A 566 0.78 -25.81 17.39
CA LEU A 566 -0.46 -25.48 18.11
C LEU A 566 -1.29 -26.73 18.34
N LYS A 567 -1.45 -27.54 17.30
CA LYS A 567 -2.17 -28.81 17.42
C LYS A 567 -1.56 -29.72 18.48
N VAL A 568 -0.24 -29.82 18.49
CA VAL A 568 0.45 -30.69 19.45
C VAL A 568 0.13 -30.29 20.88
N ARG A 569 0.03 -28.97 21.13
CA ARG A 569 -0.27 -28.43 22.45
C ARG A 569 -1.67 -28.78 22.96
N LEU A 570 -2.57 -29.08 22.02
CA LEU A 570 -3.97 -29.28 22.35
C LEU A 570 -4.34 -30.76 22.48
N ALA A 571 -3.66 -31.63 21.74
CA ALA A 571 -3.98 -33.06 21.71
C ALA A 571 -3.51 -33.83 22.94
N ALA A 578 -0.88 -36.24 15.75
CA ALA A 578 -1.07 -34.85 16.17
C ALA A 578 0.18 -33.98 15.95
N SER A 579 1.35 -34.57 16.17
CA SER A 579 2.64 -33.91 15.97
C SER A 579 2.93 -33.50 14.52
N TYR A 580 2.39 -34.28 13.57
CA TYR A 580 2.61 -34.02 12.15
C TYR A 580 1.30 -33.96 11.37
N VAL A 581 1.29 -33.12 10.34
CA VAL A 581 0.22 -33.09 9.35
C VAL A 581 0.88 -33.08 7.98
N ARG A 582 0.06 -33.09 6.94
CA ARG A 582 0.55 -33.09 5.58
C ARG A 582 -0.04 -31.93 4.78
N LEU A 583 0.84 -31.27 4.02
CA LEU A 583 0.49 -30.12 3.20
C LEU A 583 0.87 -30.41 1.75
N PRO A 584 0.01 -30.03 0.78
CA PRO A 584 0.31 -30.27 -0.64
C PRO A 584 1.65 -29.69 -1.10
N SER A 585 2.31 -30.40 -2.02
CA SER A 585 3.56 -29.89 -2.63
C SER A 585 3.25 -28.57 -3.33
N PRO A 586 4.16 -27.58 -3.24
CA PRO A 586 3.85 -26.32 -3.91
C PRO A 586 4.14 -26.35 -5.42
N TRP A 587 4.49 -27.52 -5.94
CA TRP A 587 4.83 -27.70 -7.34
C TRP A 587 4.25 -29.01 -7.90
N ASP B 7 -16.61 -5.40 -11.92
CA ASP B 7 -18.08 -5.16 -11.74
C ASP B 7 -18.39 -4.67 -10.32
N VAL B 8 -18.08 -5.49 -9.32
CA VAL B 8 -18.16 -5.09 -7.93
C VAL B 8 -16.98 -4.18 -7.63
N LEU B 9 -15.83 -4.49 -8.24
CA LEU B 9 -14.65 -3.66 -8.10
C LEU B 9 -14.94 -2.24 -8.60
N SER B 10 -15.61 -2.15 -9.74
CA SER B 10 -15.91 -0.88 -10.38
C SER B 10 -16.77 -0.02 -9.50
N ARG B 11 -17.79 -0.62 -8.87
CA ARG B 11 -18.68 0.09 -7.94
C ARG B 11 -17.86 0.68 -6.80
N MET B 12 -16.98 -0.15 -6.24
CA MET B 12 -16.16 0.27 -5.10
C MET B 12 -15.19 1.39 -5.46
N ILE B 13 -14.66 1.34 -6.67
CA ILE B 13 -13.85 2.44 -7.19
C ILE B 13 -14.71 3.72 -7.27
N SER B 14 -15.88 3.62 -7.89
CA SER B 14 -16.75 4.78 -8.05
C SER B 14 -17.23 5.38 -6.74
N GLU B 15 -17.38 4.53 -5.73
CA GLU B 15 -17.78 4.97 -4.39
C GLU B 15 -16.68 5.73 -3.69
N LYS B 16 -15.43 5.31 -3.89
CA LYS B 16 -14.32 5.98 -3.25
C LYS B 16 -14.11 7.36 -3.87
N ALA B 17 -14.07 7.40 -5.20
CA ALA B 17 -13.95 8.65 -5.95
C ALA B 17 -15.06 9.63 -5.64
N ALA B 18 -16.30 9.11 -5.52
CA ALA B 18 -17.45 9.96 -5.25
C ALA B 18 -17.42 10.52 -3.84
N LEU B 19 -17.13 9.66 -2.87
CA LEU B 19 -16.94 10.09 -1.49
C LEU B 19 -15.86 11.15 -1.37
N HIS B 20 -14.69 10.88 -1.97
CA HIS B 20 -13.57 11.78 -1.90
C HIS B 20 -13.97 13.14 -2.44
N GLY B 21 -14.75 13.13 -3.52
CA GLY B 21 -15.22 14.34 -4.17
C GLY B 21 -16.10 15.12 -3.23
N LEU B 22 -16.95 14.39 -2.50
CA LEU B 22 -17.79 14.99 -1.48
C LEU B 22 -16.99 15.53 -0.27
N LEU B 23 -15.95 14.82 0.17
CA LEU B 23 -15.12 15.29 1.29
C LEU B 23 -14.40 16.60 0.98
N ASN B 24 -13.88 16.68 -0.24
CA ASN B 24 -13.29 17.88 -0.81
C ASN B 24 -14.23 19.06 -0.57
N CYS B 25 -15.49 18.88 -0.94
CA CYS B 25 -16.54 19.84 -0.64
C CYS B 25 -16.74 20.12 0.84
N LEU B 26 -16.83 19.07 1.65
CA LEU B 26 -17.06 19.25 3.08
C LEU B 26 -15.92 20.08 3.66
N ILE B 27 -14.70 19.74 3.24
CA ILE B 27 -13.49 20.28 3.83
C ILE B 27 -13.24 21.71 3.37
N LYS B 28 -13.31 21.92 2.06
CA LYS B 28 -13.05 23.22 1.46
C LYS B 28 -14.09 24.25 1.85
N GLU B 29 -15.36 23.85 1.81
CA GLU B 29 -16.46 24.78 1.95
C GLU B 29 -17.01 24.94 3.37
N PHE B 30 -16.84 23.93 4.22
CA PHE B 30 -17.37 24.04 5.59
C PHE B 30 -16.29 23.88 6.65
N ALA B 31 -15.59 22.75 6.63
CA ALA B 31 -14.60 22.42 7.67
C ALA B 31 -13.48 23.43 7.83
N ILE B 32 -12.86 23.87 6.74
CA ILE B 32 -11.74 24.81 6.84
C ILE B 32 -12.14 26.25 7.22
N PRO B 33 -13.09 26.88 6.47
CA PRO B 33 -13.39 28.29 6.79
C PRO B 33 -14.25 28.50 8.05
N GLU B 34 -15.02 27.48 8.44
CA GLU B 34 -15.78 27.52 9.69
C GLU B 34 -14.97 27.02 10.89
N GLY B 35 -13.77 26.53 10.62
CA GLY B 35 -12.84 26.13 11.67
C GLY B 35 -13.20 24.87 12.42
N TYR B 36 -13.82 23.90 11.74
CA TYR B 36 -14.27 22.64 12.36
C TYR B 36 -13.27 21.50 12.25
N LEU B 37 -12.12 21.77 11.64
CA LEU B 37 -11.18 20.73 11.30
C LEU B 37 -9.95 20.81 12.20
N ARG B 38 -9.53 19.68 12.72
CA ARG B 38 -8.30 19.58 13.52
C ARG B 38 -7.48 18.38 13.05
N TYR B 39 -6.15 18.52 13.04
CA TYR B 39 -5.26 17.38 12.80
C TYR B 39 -4.86 16.70 14.11
N GLU B 40 -5.73 15.85 14.62
CA GLU B 40 -5.46 15.16 15.87
C GLU B 40 -6.11 13.79 15.93
N TRP B 41 -5.60 12.93 16.82
CA TRP B 41 -6.18 11.63 17.07
C TRP B 41 -7.35 11.75 18.06
N PRO B 42 -8.43 10.98 17.82
CA PRO B 42 -9.50 10.83 18.80
C PRO B 42 -8.99 10.34 20.16
N ASP B 43 -9.68 10.72 21.23
CA ASP B 43 -9.39 10.21 22.56
C ASP B 43 -9.63 8.71 22.59
N GLU B 44 -10.82 8.31 22.15
CA GLU B 44 -11.18 6.90 22.04
C GLU B 44 -11.27 6.50 20.55
N MET B 45 -10.60 5.42 20.20
CA MET B 45 -10.59 4.93 18.81
C MET B 45 -11.45 3.69 18.63
N LYS B 46 -12.32 3.39 19.58
CA LYS B 46 -13.10 2.15 19.50
C LYS B 46 -14.05 2.15 18.31
N GLY B 47 -13.92 1.12 17.49
CA GLY B 47 -14.70 1.00 16.27
C GLY B 47 -13.82 1.10 15.03
N ILE B 48 -12.68 1.76 15.18
CA ILE B 48 -11.68 1.90 14.13
C ILE B 48 -10.73 0.70 14.17
N PRO B 49 -10.59 -0.04 13.05
CA PRO B 49 -9.65 -1.15 13.04
C PRO B 49 -8.22 -0.63 12.94
N PRO B 50 -7.25 -1.39 13.48
CA PRO B 50 -5.85 -0.97 13.44
C PRO B 50 -5.42 -0.63 12.03
N GLY B 51 -5.82 -1.46 11.07
CA GLY B 51 -5.50 -1.26 9.66
C GLY B 51 -5.99 0.02 9.01
N ALA B 52 -7.03 0.64 9.56
CA ALA B 52 -7.47 1.94 9.06
C ALA B 52 -6.36 3.00 9.17
N TYR B 53 -5.58 2.93 10.26
CA TYR B 53 -4.64 4.01 10.57
C TYR B 53 -3.17 3.59 10.82
N PHE B 54 -2.89 2.29 10.78
CA PHE B 54 -1.57 1.75 11.07
C PHE B 54 -1.22 0.68 10.05
N ASP B 55 -0.11 0.89 9.35
CA ASP B 55 0.24 0.08 8.19
C ASP B 55 1.12 -1.14 8.49
N GLY B 56 1.36 -1.40 9.77
CA GLY B 56 2.29 -2.44 10.18
C GLY B 56 3.58 -1.90 10.77
N ALA B 57 3.90 -0.65 10.44
CA ALA B 57 5.14 -0.01 10.85
C ALA B 57 4.90 1.36 11.44
N ASP B 58 3.95 2.08 10.87
CA ASP B 58 3.79 3.49 11.16
C ASP B 58 2.35 3.90 10.90
N TRP B 59 1.98 5.06 11.39
CA TRP B 59 0.67 5.63 11.06
C TRP B 59 0.60 5.86 9.57
N LYS B 60 -0.60 5.75 9.01
CA LYS B 60 -0.85 6.06 7.60
C LYS B 60 -1.15 7.54 7.49
N GLY B 61 -0.13 8.38 7.62
CA GLY B 61 -0.31 9.82 7.44
C GLY B 61 -0.71 10.53 8.70
N ILE B 62 -1.63 11.49 8.56
CA ILE B 62 -1.97 12.40 9.64
C ILE B 62 -3.44 12.20 9.96
N PRO B 63 -3.79 12.10 11.26
CA PRO B 63 -5.20 11.96 11.57
C PRO B 63 -5.94 13.24 11.23
N MET B 64 -7.09 13.13 10.57
CA MET B 64 -7.94 14.29 10.40
C MET B 64 -9.29 14.12 11.06
N MET B 65 -9.59 15.06 11.96
CA MET B 65 -10.84 15.05 12.70
C MET B 65 -11.65 16.29 12.39
N ILE B 66 -12.93 16.09 12.11
CA ILE B 66 -13.86 17.18 11.85
C ILE B 66 -15.07 17.03 12.73
N GLY B 67 -15.23 17.95 13.66
CA GLY B 67 -16.43 17.99 14.49
C GLY B 67 -17.52 18.72 13.73
N LEU B 68 -18.68 18.08 13.63
CA LEU B 68 -19.79 18.65 12.88
C LEU B 68 -20.92 19.00 13.85
N PRO B 69 -21.29 20.29 13.90
CA PRO B 69 -22.17 20.91 14.90
C PRO B 69 -23.49 20.20 15.31
N ASP B 70 -23.78 19.03 14.72
CA ASP B 70 -24.87 18.18 15.21
C ASP B 70 -24.38 17.06 16.16
N GLN B 71 -23.21 17.28 16.76
CA GLN B 71 -22.49 16.28 17.56
C GLN B 71 -21.92 15.10 16.75
N LEU B 72 -21.71 15.34 15.46
CA LEU B 72 -21.14 14.33 14.59
C LEU B 72 -19.64 14.56 14.46
N GLN B 73 -18.86 13.49 14.57
CA GLN B 73 -17.45 13.58 14.31
C GLN B 73 -17.07 12.71 13.13
N LEU B 74 -16.13 13.19 12.33
CA LEU B 74 -15.59 12.46 11.18
C LEU B 74 -14.11 12.32 11.44
N PHE B 75 -13.60 11.12 11.18
CA PHE B 75 -12.18 10.79 11.22
C PHE B 75 -11.73 10.24 9.88
N VAL B 76 -10.60 10.73 9.37
CA VAL B 76 -10.04 10.17 8.16
C VAL B 76 -8.53 10.38 8.18
N MET B 77 -7.78 9.38 7.75
CA MET B 77 -6.33 9.51 7.61
C MET B 77 -5.98 10.19 6.31
N VAL B 78 -5.17 11.25 6.38
CA VAL B 78 -4.78 12.01 5.18
C VAL B 78 -3.27 12.09 5.10
N ASP B 79 -2.72 12.41 3.92
CA ASP B 79 -1.27 12.42 3.78
C ASP B 79 -0.64 13.77 4.04
N ARG B 80 -1.45 14.75 4.42
CA ARG B 80 -1.07 16.12 4.21
C ARG B 80 -1.90 17.07 5.06
N ARG B 81 -1.26 18.07 5.66
CA ARG B 81 -2.00 19.25 6.14
C ARG B 81 -2.04 20.19 4.95
N ASP B 82 -3.21 20.75 4.65
CA ASP B 82 -3.34 21.67 3.52
C ASP B 82 -4.42 22.74 3.71
N THR B 83 -4.07 23.97 3.36
CA THR B 83 -4.95 25.13 3.55
C THR B 83 -6.09 25.17 2.52
N PHE B 84 -5.85 24.64 1.32
CA PHE B 84 -6.85 24.59 0.26
C PHE B 84 -7.64 23.28 0.28
N GLY B 85 -7.39 22.46 1.29
CA GLY B 85 -8.14 21.23 1.49
C GLY B 85 -7.81 20.22 0.41
N SER B 86 -6.60 20.34 -0.13
CA SER B 86 -6.05 19.43 -1.10
C SER B 86 -5.15 18.48 -0.33
N GLN B 87 -5.61 17.22 -0.21
CA GLN B 87 -4.90 16.12 0.45
C GLN B 87 -5.44 14.76 -0.08
N HIS B 88 -4.62 13.71 -0.02
CA HIS B 88 -5.10 12.33 -0.31
C HIS B 88 -5.65 11.67 0.94
N TYR B 89 -6.79 11.00 0.79
CA TYR B 89 -7.38 10.26 1.90
C TYR B 89 -6.83 8.83 1.91
N LEU B 90 -6.13 8.47 2.99
CA LEU B 90 -5.42 7.18 3.09
C LEU B 90 -6.15 6.11 3.89
N SER B 91 -7.37 6.45 4.34
CA SER B 91 -8.28 5.49 4.95
C SER B 91 -9.72 5.75 4.52
N ASP B 92 -10.59 4.81 4.85
CA ASP B 92 -12.03 4.98 4.83
C ASP B 92 -12.42 6.10 5.78
N VAL B 93 -13.65 6.59 5.62
CA VAL B 93 -14.19 7.60 6.52
C VAL B 93 -14.95 6.92 7.65
N TYR B 94 -14.67 7.37 8.86
CA TYR B 94 -15.37 6.90 10.06
C TYR B 94 -16.17 8.02 10.71
N LEU B 95 -17.34 7.67 11.22
CA LEU B 95 -18.24 8.62 11.83
C LEU B 95 -18.60 8.21 13.25
N ARG B 96 -18.75 9.20 14.14
CA ARG B 96 -19.12 8.95 15.52
C ARG B 96 -20.14 9.95 15.99
N GLN B 97 -21.21 9.43 16.59
CA GLN B 97 -22.34 10.23 17.07
C GLN B 97 -22.57 10.09 18.57
N GLY B 100 -21.58 7.12 21.46
CA GLY B 100 -20.32 7.12 20.72
C GLY B 100 -20.11 5.85 19.92
N ASP B 101 -18.87 5.62 19.52
CA ASP B 101 -18.39 4.45 18.75
C ASP B 101 -18.34 4.64 17.25
N TRP B 102 -17.12 4.64 16.73
CA TRP B 102 -16.83 4.86 15.32
C TRP B 102 -17.43 3.77 14.44
N GLN B 103 -18.03 4.21 13.33
CA GLN B 103 -18.64 3.34 12.36
C GLN B 103 -18.08 3.68 11.00
N CYS B 104 -18.01 2.68 10.13
CA CYS B 104 -17.71 2.92 8.73
C CYS B 104 -18.90 2.45 7.92
N PRO B 105 -19.82 3.39 7.61
CA PRO B 105 -21.07 3.07 6.93
C PRO B 105 -20.84 2.85 5.45
N ASP B 106 -21.74 2.09 4.82
CA ASP B 106 -21.68 1.92 3.37
C ASP B 106 -21.79 3.27 2.69
N PHE B 107 -21.56 3.29 1.39
CA PHE B 107 -21.55 4.50 0.62
C PHE B 107 -22.79 5.36 0.83
N GLU B 108 -23.96 4.78 0.53
CA GLU B 108 -25.23 5.52 0.57
C GLU B 108 -25.54 6.19 1.91
N PRO B 109 -25.53 5.44 3.05
CA PRO B 109 -25.72 6.09 4.35
C PRO B 109 -24.63 7.08 4.77
N LEU B 110 -23.38 6.80 4.39
CA LEU B 110 -22.26 7.69 4.68
C LEU B 110 -22.51 9.04 4.04
N VAL B 111 -22.71 9.01 2.74
CA VAL B 111 -23.03 10.17 1.95
C VAL B 111 -24.22 10.89 2.56
N ALA B 112 -25.25 10.13 2.95
CA ALA B 112 -26.47 10.71 3.50
C ALA B 112 -26.19 11.49 4.78
N ARG B 113 -25.24 10.99 5.57
CA ARG B 113 -24.93 11.54 6.88
C ARG B 113 -24.01 12.73 6.77
N LEU B 114 -23.08 12.67 5.80
CA LEU B 114 -22.19 13.78 5.50
C LEU B 114 -22.98 14.94 4.94
N LEU B 115 -23.87 14.64 4.00
CA LEU B 115 -24.77 15.66 3.47
C LEU B 115 -25.64 16.26 4.57
N ALA B 116 -26.18 15.43 5.45
CA ALA B 116 -27.01 15.90 6.56
C ALA B 116 -26.28 16.88 7.47
N ALA B 117 -24.99 16.63 7.72
CA ALA B 117 -24.19 17.57 8.52
C ALA B 117 -24.03 18.90 7.80
N CYS B 118 -23.81 18.85 6.49
CA CYS B 118 -23.74 20.07 5.69
C CYS B 118 -25.08 20.79 5.64
N GLU B 119 -26.16 20.02 5.45
CA GLU B 119 -27.54 20.54 5.51
C GLU B 119 -27.88 21.14 6.88
N HIS B 120 -27.29 20.60 7.95
CA HIS B 120 -27.49 21.12 9.28
C HIS B 120 -26.77 22.45 9.44
N ILE B 121 -25.52 22.49 9.00
CA ILE B 121 -24.75 23.73 9.02
C ILE B 121 -25.49 24.79 8.19
N ALA B 122 -25.82 24.45 6.94
CA ALA B 122 -26.59 25.32 6.04
C ALA B 122 -27.98 25.71 6.55
N GLY B 123 -28.59 24.83 7.34
CA GLY B 123 -29.94 25.05 7.84
C GLY B 123 -31.00 24.75 6.79
N ARG B 124 -30.59 24.02 5.74
CA ARG B 124 -31.47 23.73 4.62
C ARG B 124 -31.09 22.41 3.96
N LYS B 125 -32.10 21.59 3.68
CA LYS B 125 -31.91 20.28 3.09
C LYS B 125 -32.05 20.34 1.57
N ASN B 126 -31.36 19.44 0.89
CA ASN B 126 -31.50 19.28 -0.55
C ASN B 126 -31.51 17.80 -0.95
N PRO B 127 -32.70 17.16 -0.92
CA PRO B 127 -32.79 15.76 -1.37
C PRO B 127 -32.50 15.56 -2.86
N GLU B 128 -32.72 16.59 -3.69
CA GLU B 128 -32.41 16.52 -5.12
C GLU B 128 -30.92 16.30 -5.29
N LEU B 129 -30.12 17.04 -4.52
CA LEU B 129 -28.68 16.85 -4.54
C LEU B 129 -28.26 15.45 -4.10
N TYR B 130 -28.89 14.94 -3.04
CA TYR B 130 -28.55 13.61 -2.56
C TYR B 130 -28.76 12.56 -3.66
N GLU B 131 -29.91 12.62 -4.31
CA GLU B 131 -30.24 11.77 -5.44
C GLU B 131 -29.23 11.91 -6.55
N GLN B 132 -28.70 13.11 -6.72
CA GLN B 132 -27.74 13.36 -7.76
C GLN B 132 -26.35 12.86 -7.41
N ILE B 133 -25.99 12.93 -6.13
CA ILE B 133 -24.72 12.36 -5.66
C ILE B 133 -24.69 10.86 -6.02
N LEU B 134 -25.82 10.19 -5.80
CA LEU B 134 -25.92 8.75 -6.05
C LEU B 134 -26.04 8.42 -7.53
N GLN B 135 -26.72 9.28 -8.28
CA GLN B 135 -26.91 9.08 -9.72
C GLN B 135 -25.58 9.25 -10.44
N SER B 136 -24.75 10.18 -9.94
CA SER B 136 -23.41 10.38 -10.45
C SER B 136 -22.47 9.22 -10.13
N GLN B 137 -22.54 8.69 -8.91
CA GLN B 137 -21.70 7.58 -8.52
C GLN B 137 -22.02 6.35 -9.37
N ARG B 138 -23.31 6.02 -9.45
CA ARG B 138 -23.80 4.90 -10.26
C ARG B 138 -23.42 4.98 -11.75
N LEU B 139 -23.32 6.19 -12.30
CA LEU B 139 -22.85 6.32 -13.67
C LEU B 139 -21.36 6.04 -13.73
N VAL B 140 -20.59 6.60 -12.80
CA VAL B 140 -19.16 6.31 -12.71
C VAL B 140 -18.92 4.80 -12.53
N SER B 141 -19.81 4.11 -11.81
CA SER B 141 -19.65 2.67 -11.70
C SER B 141 -19.62 2.09 -13.11
N ALA B 142 -20.65 2.40 -13.90
CA ALA B 142 -20.81 1.91 -15.27
C ALA B 142 -19.61 2.26 -16.09
N ILE B 143 -19.10 3.47 -15.87
CA ILE B 143 -17.92 3.88 -16.59
C ILE B 143 -16.67 3.08 -16.28
N VAL B 144 -16.39 2.85 -14.99
CA VAL B 144 -15.15 2.22 -14.55
C VAL B 144 -15.21 0.78 -15.02
N SER B 145 -16.44 0.31 -15.14
CA SER B 145 -16.71 -1.05 -15.55
C SER B 145 -16.49 -1.09 -17.05
N HIS B 146 -16.61 0.08 -17.69
CA HIS B 146 -16.47 0.11 -19.13
C HIS B 146 -14.99 0.17 -19.50
N ASN B 147 -14.25 1.01 -18.79
CA ASN B 147 -12.84 1.27 -19.11
C ASN B 147 -11.80 0.70 -18.14
N GLY B 148 -12.27 0.00 -17.12
CA GLY B 148 -11.40 -0.53 -16.06
C GLY B 148 -10.37 -1.58 -16.46
N ARG B 149 -10.28 -1.88 -17.75
CA ARG B 149 -9.27 -2.81 -18.23
C ARG B 149 -8.23 -2.18 -19.14
N GLN B 150 -8.44 -0.91 -19.50
CA GLN B 150 -7.42 -0.13 -20.21
C GLN B 150 -6.21 0.03 -19.29
N ARG B 151 -5.05 0.32 -19.87
CA ARG B 151 -3.89 0.77 -19.10
C ARG B 151 -4.36 2.03 -18.39
N ALA B 152 -3.97 2.24 -17.14
CA ALA B 152 -4.54 3.32 -16.31
C ALA B 152 -4.31 4.73 -16.87
N ASP B 153 -3.18 4.92 -17.54
CA ASP B 153 -2.82 6.23 -18.06
C ASP B 153 -3.17 6.43 -19.53
N ALA B 154 -3.97 5.53 -20.07
CA ALA B 154 -4.46 5.73 -21.44
C ALA B 154 -5.04 7.14 -21.73
N PRO B 155 -5.85 7.72 -20.79
CA PRO B 155 -6.41 9.05 -21.06
C PRO B 155 -5.44 10.14 -21.45
N LEU B 156 -4.15 9.96 -21.18
CA LEU B 156 -3.18 11.03 -21.46
C LEU B 156 -2.41 10.85 -22.75
N GLN B 157 -2.72 9.79 -23.50
CA GLN B 157 -2.02 9.47 -24.75
C GLN B 157 -2.49 10.23 -26.00
N HIS B 158 -3.66 10.87 -25.92
CA HIS B 158 -4.27 11.51 -27.08
C HIS B 158 -5.27 12.53 -26.57
N TYR B 159 -5.62 13.51 -27.40
CA TYR B 159 -6.53 14.56 -26.98
C TYR B 159 -7.95 14.09 -26.77
N LEU B 160 -8.52 13.40 -27.75
CA LEU B 160 -9.88 12.88 -27.61
C LEU B 160 -9.97 11.95 -26.42
N GLN B 161 -8.86 11.33 -26.06
CA GLN B 161 -8.82 10.45 -24.91
C GLN B 161 -8.79 11.26 -23.61
N SER B 162 -8.09 12.40 -23.63
CA SER B 162 -8.04 13.19 -22.40
C SER B 162 -9.44 13.66 -22.08
N GLU B 163 -10.21 14.02 -23.10
CA GLU B 163 -11.59 14.52 -22.91
C GLU B 163 -12.52 13.42 -22.45
N GLN B 164 -12.36 12.23 -23.03
CA GLN B 164 -13.12 11.04 -22.68
C GLN B 164 -12.74 10.47 -21.32
N GLY B 165 -11.47 10.62 -20.95
CA GLY B 165 -10.94 9.97 -19.76
C GLY B 165 -11.09 10.63 -18.42
N LEU B 166 -11.93 11.67 -18.31
CA LEU B 166 -12.13 12.36 -17.01
C LEU B 166 -13.23 11.60 -16.30
N TRP B 167 -12.93 10.33 -15.96
CA TRP B 167 -13.91 9.38 -15.45
C TRP B 167 -14.77 9.85 -14.30
N PHE B 168 -14.13 10.58 -13.37
CA PHE B 168 -14.69 10.93 -12.07
C PHE B 168 -15.04 12.44 -12.01
N GLY B 169 -14.60 13.19 -13.01
CA GLY B 169 -15.19 14.48 -13.32
C GLY B 169 -14.61 15.55 -12.45
N HIS B 170 -15.36 16.62 -12.28
CA HIS B 170 -14.90 17.75 -11.46
C HIS B 170 -14.63 17.23 -10.06
N PRO B 171 -13.35 17.26 -9.62
CA PRO B 171 -12.92 16.55 -8.40
C PRO B 171 -13.44 17.10 -7.08
N SER B 172 -13.99 18.33 -7.09
CA SER B 172 -14.61 18.93 -5.91
C SER B 172 -16.03 19.40 -6.23
N HIS B 173 -16.84 18.47 -6.70
CA HIS B 173 -18.28 18.62 -6.89
C HIS B 173 -18.93 17.33 -6.38
N PRO B 174 -20.03 17.46 -5.62
CA PRO B 174 -20.64 16.26 -5.02
C PRO B 174 -21.18 15.25 -6.05
N ALA B 175 -21.69 15.73 -7.18
CA ALA B 175 -22.26 14.83 -8.20
C ALA B 175 -21.80 15.16 -9.63
N PRO B 176 -20.51 14.94 -9.95
CA PRO B 176 -19.89 15.52 -11.14
C PRO B 176 -20.40 14.96 -12.46
N LYS B 177 -20.84 13.70 -12.43
CA LYS B 177 -21.31 12.99 -13.63
C LYS B 177 -22.85 12.90 -13.68
N ALA B 178 -23.54 13.79 -12.96
CA ALA B 178 -25.00 13.84 -13.02
C ALA B 178 -25.43 14.81 -14.11
N ARG B 179 -26.03 14.26 -15.15
CA ARG B 179 -26.38 14.98 -16.35
C ARG B 179 -27.88 14.83 -16.50
N LEU B 180 -28.60 15.91 -16.19
CA LEU B 180 -30.03 15.84 -15.85
C LEU B 180 -30.99 16.13 -17.00
N TRP B 181 -31.10 15.16 -17.90
CA TRP B 181 -32.03 15.26 -19.01
C TRP B 181 -32.99 14.06 -18.90
N PRO B 182 -34.13 14.09 -19.59
CA PRO B 182 -35.08 13.00 -19.38
C PRO B 182 -34.41 11.66 -19.61
N ALA B 183 -34.65 10.73 -18.69
CA ALA B 183 -33.90 9.48 -18.61
C ALA B 183 -34.06 8.56 -19.83
N HIS B 184 -35.18 8.66 -20.53
CA HIS B 184 -35.46 7.75 -21.64
C HIS B 184 -34.58 8.02 -22.84
N LEU B 185 -33.86 9.15 -22.76
CA LEU B 185 -32.91 9.55 -23.78
C LEU B 185 -31.56 8.85 -23.59
N GLY B 186 -31.34 8.31 -22.39
CA GLY B 186 -30.17 7.48 -22.08
C GLY B 186 -29.00 8.30 -21.60
N GLN B 187 -27.95 7.63 -21.15
CA GLN B 187 -26.73 8.33 -20.70
C GLN B 187 -25.50 7.97 -21.51
N GLU B 188 -25.37 6.69 -21.87
CA GLU B 188 -24.18 6.19 -22.56
C GLU B 188 -23.98 6.79 -23.95
N GLN B 189 -25.07 7.03 -24.69
CA GLN B 189 -24.98 7.53 -26.06
C GLN B 189 -24.43 8.97 -26.14
N TRP B 190 -24.43 9.67 -25.00
CA TRP B 190 -23.98 11.09 -24.95
C TRP B 190 -22.75 11.23 -24.07
N ALA B 191 -22.21 10.10 -23.66
CA ALA B 191 -21.16 10.07 -22.68
C ALA B 191 -19.81 9.94 -23.35
N PRO B 192 -18.93 10.95 -23.18
CA PRO B 192 -17.55 10.83 -23.63
C PRO B 192 -16.86 9.60 -23.05
N GLU B 193 -17.31 9.15 -21.88
CA GLU B 193 -16.63 8.08 -21.14
C GLU B 193 -16.92 6.71 -21.71
N PHE B 194 -17.91 6.65 -22.58
CA PHE B 194 -18.25 5.45 -23.32
C PHE B 194 -17.81 5.62 -24.74
N GLN B 195 -16.86 6.53 -24.93
CA GLN B 195 -16.29 6.82 -26.25
C GLN B 195 -17.43 7.11 -27.22
N ALA B 196 -18.44 7.81 -26.71
CA ALA B 196 -19.66 8.06 -27.48
C ALA B 196 -19.39 8.85 -28.75
N ARG B 197 -20.12 8.50 -29.79
CA ARG B 197 -20.10 9.19 -31.08
C ARG B 197 -21.55 9.35 -31.45
N ALA B 198 -21.90 10.47 -32.06
CA ALA B 198 -23.29 10.67 -32.50
C ALA B 198 -23.37 11.66 -33.62
N ALA B 199 -24.29 11.44 -34.55
CA ALA B 199 -24.62 12.43 -35.55
C ALA B 199 -25.50 13.49 -34.90
N LEU B 200 -25.06 14.74 -34.99
CA LEU B 200 -25.79 15.88 -34.46
C LEU B 200 -27.18 15.96 -35.08
N HIS B 201 -28.15 16.36 -34.27
CA HIS B 201 -29.49 16.57 -34.73
C HIS B 201 -29.51 17.86 -35.53
N GLN B 202 -30.25 17.88 -36.64
CA GLN B 202 -30.32 19.05 -37.52
C GLN B 202 -31.74 19.47 -37.89
N PHE B 203 -31.87 20.75 -38.22
CA PHE B 203 -33.12 21.32 -38.70
C PHE B 203 -32.82 22.18 -39.92
N GLU B 204 -33.73 22.18 -40.88
CA GLU B 204 -33.64 23.10 -41.99
C GLU B 204 -34.46 24.32 -41.61
N VAL B 205 -33.82 25.48 -41.63
CA VAL B 205 -34.45 26.70 -41.18
C VAL B 205 -34.32 27.72 -42.31
N PRO B 206 -35.28 28.67 -42.40
CA PRO B 206 -35.14 29.72 -43.40
C PRO B 206 -34.11 30.75 -42.98
N VAL B 207 -33.39 31.29 -43.95
CA VAL B 207 -32.24 32.14 -43.66
C VAL B 207 -32.64 33.51 -43.12
N ASP B 208 -33.90 33.89 -43.32
CA ASP B 208 -34.40 35.20 -42.91
C ASP B 208 -34.44 35.35 -41.39
N GLY B 209 -34.19 34.28 -40.67
CA GLY B 209 -34.17 34.33 -39.22
C GLY B 209 -32.86 33.98 -38.57
N LEU B 210 -31.81 33.77 -39.37
CA LEU B 210 -30.50 33.42 -38.81
C LEU B 210 -29.82 34.64 -38.25
N HIS B 211 -29.07 34.43 -37.19
CA HIS B 211 -28.25 35.47 -36.58
C HIS B 211 -26.88 34.87 -36.50
N ILE B 212 -25.98 35.34 -37.36
CA ILE B 212 -24.65 34.76 -37.43
C ILE B 212 -23.61 35.77 -37.03
N GLY B 213 -22.71 35.35 -36.14
CA GLY B 213 -21.49 36.08 -35.88
C GLY B 213 -20.34 35.36 -36.56
N ALA B 214 -19.41 36.13 -37.09
CA ALA B 214 -18.29 35.61 -37.85
C ALA B 214 -17.12 36.58 -37.83
N ASN B 215 -15.94 36.10 -37.47
CA ASN B 215 -14.70 36.84 -37.70
C ASN B 215 -13.76 36.05 -38.58
N GLY B 216 -13.45 36.60 -39.74
CA GLY B 216 -12.50 35.96 -40.65
C GLY B 216 -13.15 34.82 -41.41
N LEU B 217 -14.47 34.70 -41.23
CA LEU B 217 -15.28 33.74 -41.97
C LEU B 217 -16.50 34.49 -42.45
N THR B 218 -17.03 34.07 -43.60
CA THR B 218 -18.31 34.58 -44.05
C THR B 218 -19.37 33.84 -43.25
N PRO B 219 -20.57 34.41 -43.12
CA PRO B 219 -21.66 33.68 -42.48
C PRO B 219 -21.88 32.29 -43.09
N GLN B 220 -21.73 32.16 -44.40
CA GLN B 220 -21.91 30.89 -45.10
C GLN B 220 -20.82 29.91 -44.69
N GLN B 221 -19.59 30.40 -44.57
CA GLN B 221 -18.49 29.56 -44.08
C GLN B 221 -18.72 29.14 -42.65
N VAL B 222 -19.41 29.96 -41.86
CA VAL B 222 -19.78 29.58 -40.50
C VAL B 222 -20.81 28.46 -40.53
N LEU B 223 -21.84 28.60 -41.36
CA LEU B 223 -22.86 27.57 -41.51
C LEU B 223 -22.25 26.24 -41.95
N ASP B 224 -21.26 26.30 -42.82
CA ASP B 224 -20.54 25.12 -43.29
C ASP B 224 -19.79 24.40 -42.18
N GLY B 225 -19.29 25.15 -41.21
CA GLY B 225 -18.60 24.58 -40.07
C GLY B 225 -19.51 23.72 -39.22
N PHE B 226 -20.75 24.15 -39.08
CA PHE B 226 -21.74 23.41 -38.30
C PHE B 226 -22.30 22.18 -39.03
N ALA B 227 -22.70 22.36 -40.29
CA ALA B 227 -23.37 21.30 -41.05
C ALA B 227 -23.15 21.46 -42.55
N ASP B 228 -23.17 20.32 -43.26
CA ASP B 228 -23.18 20.28 -44.72
C ASP B 228 -24.45 20.95 -45.23
N GLN B 229 -24.27 22.11 -45.89
CA GLN B 229 -25.38 22.96 -46.31
C GLN B 229 -25.94 22.60 -47.68
N GLN B 230 -25.24 21.69 -48.36
CA GLN B 230 -25.67 21.13 -49.64
C GLN B 230 -27.16 20.80 -49.72
N PRO B 231 -27.65 19.94 -48.81
CA PRO B 231 -29.03 19.47 -48.86
C PRO B 231 -30.10 20.50 -48.48
N ALA B 232 -29.70 21.74 -48.17
CA ALA B 232 -30.67 22.78 -47.84
C ALA B 232 -31.32 23.25 -49.12
N SER B 233 -32.63 23.44 -49.07
CA SER B 233 -33.37 23.98 -50.21
C SER B 233 -33.02 25.46 -50.35
N PRO B 234 -33.32 26.08 -51.51
CA PRO B 234 -32.97 27.49 -51.65
C PRO B 234 -33.65 28.36 -50.58
N GLY B 235 -32.94 29.37 -50.08
CA GLY B 235 -33.48 30.27 -49.07
C GLY B 235 -33.44 29.69 -47.68
N HIS B 236 -32.91 28.48 -47.57
CA HIS B 236 -32.80 27.83 -46.27
C HIS B 236 -31.38 27.37 -45.93
N ALA B 237 -31.15 27.16 -44.65
CA ALA B 237 -29.88 26.72 -44.12
C ALA B 237 -30.13 25.56 -43.18
N ILE B 238 -29.08 24.84 -42.84
CA ILE B 238 -29.18 23.76 -41.88
C ILE B 238 -28.39 24.07 -40.64
N ILE B 239 -29.06 24.00 -39.50
CA ILE B 239 -28.42 24.19 -38.21
C ILE B 239 -28.42 22.86 -37.46
N CYS B 240 -27.48 22.71 -36.54
CA CYS B 240 -27.36 21.46 -35.82
C CYS B 240 -27.42 21.76 -34.34
N MET B 241 -27.77 20.73 -33.56
CA MET B 241 -27.76 20.83 -32.10
C MET B 241 -27.64 19.46 -31.43
N HIS B 242 -27.34 19.48 -30.14
CA HIS B 242 -27.28 18.29 -29.35
C HIS B 242 -28.60 17.58 -29.48
N PRO B 243 -28.56 16.29 -29.89
CA PRO B 243 -29.76 15.48 -30.01
C PRO B 243 -30.66 15.57 -28.78
N VAL B 244 -30.08 15.54 -27.59
CA VAL B 244 -30.84 15.69 -26.35
C VAL B 244 -31.57 17.03 -26.36
N GLN B 245 -30.86 18.06 -26.77
CA GLN B 245 -31.39 19.41 -26.87
C GLN B 245 -32.49 19.49 -27.92
N ALA B 246 -32.31 18.84 -29.05
CA ALA B 246 -33.36 18.72 -30.06
C ALA B 246 -34.68 18.22 -29.48
N GLN B 247 -34.61 17.18 -28.65
CA GLN B 247 -35.80 16.60 -28.03
C GLN B 247 -36.49 17.59 -27.11
N LEU B 248 -35.72 18.23 -26.23
CA LEU B 248 -36.23 19.29 -25.37
C LEU B 248 -36.83 20.43 -26.20
N PHE B 249 -36.09 20.87 -27.21
CA PHE B 249 -36.53 21.91 -28.14
C PHE B 249 -37.91 21.61 -28.72
N MET B 250 -38.12 20.35 -29.12
CA MET B 250 -39.35 19.97 -29.81
C MET B 250 -40.55 19.68 -28.91
N GLN B 251 -40.39 19.79 -27.59
CA GLN B 251 -41.56 19.66 -26.71
C GLN B 251 -42.34 20.96 -26.70
N ASP B 252 -41.69 22.05 -27.09
CA ASP B 252 -42.28 23.35 -26.94
C ASP B 252 -43.24 23.62 -28.08
N ALA B 253 -44.47 23.99 -27.72
CA ALA B 253 -45.56 24.25 -28.66
C ALA B 253 -45.17 25.12 -29.86
N ARG B 254 -44.25 26.06 -29.63
CA ARG B 254 -43.85 27.02 -30.65
C ARG B 254 -43.04 26.33 -31.72
N VAL B 255 -42.30 25.32 -31.30
CA VAL B 255 -41.53 24.50 -32.21
C VAL B 255 -42.48 23.55 -32.95
N GLN B 256 -43.41 22.95 -32.21
CA GLN B 256 -44.49 22.11 -32.77
C GLN B 256 -45.24 22.85 -33.87
N GLN B 257 -45.54 24.12 -33.62
CA GLN B 257 -46.27 24.93 -34.58
C GLN B 257 -45.47 25.14 -35.88
N LEU B 258 -44.20 25.53 -35.77
CA LEU B 258 -43.36 25.74 -36.96
C LEU B 258 -43.17 24.46 -37.77
N LEU B 259 -43.13 23.32 -37.10
CA LEU B 259 -42.97 22.04 -37.78
C LEU B 259 -44.22 21.73 -38.54
N ARG B 260 -45.35 21.85 -37.85
CA ARG B 260 -46.68 21.75 -38.43
C ARG B 260 -46.89 22.62 -39.67
N ASP B 261 -46.44 23.88 -39.60
CA ASP B 261 -46.64 24.81 -40.71
C ASP B 261 -45.54 24.69 -41.75
N ASN B 262 -44.56 23.85 -41.46
CA ASN B 262 -43.39 23.65 -42.31
C ASN B 262 -42.57 24.91 -42.45
N VAL B 263 -42.47 25.69 -41.38
CA VAL B 263 -41.56 26.83 -41.41
C VAL B 263 -40.15 26.28 -41.20
N ILE B 264 -40.03 25.31 -40.30
CA ILE B 264 -38.77 24.57 -40.14
C ILE B 264 -39.00 23.07 -40.36
N ARG B 265 -37.91 22.32 -40.53
CA ARG B 265 -38.00 20.88 -40.72
C ARG B 265 -37.12 20.10 -39.75
N ASP B 266 -37.69 19.08 -39.16
CA ASP B 266 -36.91 18.14 -38.39
C ASP B 266 -36.21 17.24 -39.39
N LEU B 267 -34.92 17.46 -39.55
CA LEU B 267 -34.07 16.50 -40.21
C LEU B 267 -33.66 15.68 -39.00
N GLY B 268 -33.38 14.40 -39.16
CA GLY B 268 -33.18 13.59 -37.95
C GLY B 268 -31.82 13.85 -37.36
N GLN B 269 -31.19 12.80 -36.86
CA GLN B 269 -29.77 12.84 -36.57
C GLN B 269 -29.02 12.59 -37.88
N SER B 270 -29.02 13.64 -38.71
CA SER B 270 -28.42 13.60 -40.03
C SER B 270 -27.07 14.32 -40.12
N GLY B 271 -26.74 15.08 -39.08
CA GLY B 271 -25.53 15.88 -39.06
C GLY B 271 -24.23 15.16 -38.87
N ARG B 272 -23.16 15.93 -38.74
CA ARG B 272 -21.80 15.43 -38.53
C ARG B 272 -21.77 14.45 -37.38
N VAL B 273 -21.15 13.30 -37.59
CA VAL B 273 -20.90 12.36 -36.49
C VAL B 273 -19.68 12.83 -35.72
N ALA B 274 -19.89 13.13 -34.44
CA ALA B 274 -18.87 13.75 -33.62
C ALA B 274 -18.86 13.13 -32.22
N SER B 275 -17.78 13.33 -31.49
CA SER B 275 -17.66 12.80 -30.14
C SER B 275 -17.84 13.92 -29.10
N PRO B 276 -18.72 13.73 -28.09
CA PRO B 276 -18.77 14.79 -27.10
C PRO B 276 -17.46 14.87 -26.31
N THR B 277 -17.10 16.09 -25.88
CA THR B 277 -15.94 16.29 -25.03
C THR B 277 -16.45 16.30 -23.59
N ALA B 278 -15.58 16.58 -22.63
CA ALA B 278 -15.93 16.58 -21.24
C ALA B 278 -17.04 17.59 -20.85
N SER B 279 -17.17 18.68 -21.61
CA SER B 279 -18.23 19.68 -21.33
C SER B 279 -19.60 19.24 -21.81
N ILE B 280 -19.62 18.13 -22.56
CA ILE B 280 -20.85 17.40 -22.90
C ILE B 280 -21.60 18.00 -24.10
N ARG B 281 -21.68 19.33 -24.14
CA ARG B 281 -22.34 20.05 -25.23
C ARG B 281 -21.39 20.59 -26.31
N THR B 282 -20.09 20.39 -26.11
CA THR B 282 -19.13 20.70 -27.17
C THR B 282 -18.60 19.39 -27.76
N TRP B 283 -18.61 19.28 -29.09
CA TRP B 283 -18.32 18.02 -29.79
C TRP B 283 -17.05 18.12 -30.61
N PHE B 284 -16.31 17.02 -30.67
CA PHE B 284 -15.04 16.97 -31.38
C PHE B 284 -15.11 16.06 -32.61
N ILE B 285 -14.55 16.55 -33.72
CA ILE B 285 -14.43 15.77 -34.94
C ILE B 285 -12.98 15.77 -35.39
N ASP B 286 -12.31 14.64 -35.25
CA ASP B 286 -10.93 14.58 -35.68
C ASP B 286 -10.86 15.06 -37.11
N ASP B 287 -9.85 15.86 -37.42
CA ASP B 287 -9.73 16.42 -38.78
C ASP B 287 -11.05 17.01 -39.30
N HIS B 288 -11.56 17.97 -38.54
CA HIS B 288 -12.52 18.95 -39.01
C HIS B 288 -11.99 20.23 -38.39
N ASP B 289 -12.20 21.37 -39.03
CA ASP B 289 -11.58 22.60 -38.57
C ASP B 289 -12.05 23.09 -37.22
N TYR B 290 -13.19 22.60 -36.76
CA TYR B 290 -13.85 23.18 -35.58
C TYR B 290 -14.36 22.13 -34.61
N PHE B 291 -14.47 22.50 -33.34
CA PHE B 291 -15.39 21.84 -32.44
C PHE B 291 -16.74 22.48 -32.73
N ILE B 292 -17.82 21.84 -32.31
CA ILE B 292 -19.15 22.42 -32.37
C ILE B 292 -19.68 22.51 -30.95
N LYS B 293 -19.94 23.72 -30.49
CA LYS B 293 -20.49 23.96 -29.14
C LYS B 293 -21.94 24.38 -29.33
N GLY B 294 -22.83 23.88 -28.50
CA GLY B 294 -24.23 24.18 -28.66
C GLY B 294 -24.89 24.43 -27.33
N SER B 295 -26.13 24.88 -27.36
CA SER B 295 -26.91 25.00 -26.14
C SER B 295 -27.45 23.64 -25.72
N LEU B 296 -27.59 23.46 -24.42
CA LEU B 296 -28.12 22.26 -23.84
C LEU B 296 -28.79 22.69 -22.56
N ASN B 297 -30.10 22.69 -22.59
CA ASN B 297 -30.90 23.25 -21.52
C ASN B 297 -31.07 22.26 -20.38
N VAL B 298 -29.93 21.84 -19.82
CA VAL B 298 -29.85 20.81 -18.81
C VAL B 298 -28.82 21.22 -17.77
N ARG B 299 -29.06 20.87 -16.50
CA ARG B 299 -28.12 21.12 -15.42
C ARG B 299 -26.98 20.13 -15.45
N ILE B 300 -25.75 20.65 -15.55
CA ILE B 300 -24.55 19.84 -15.41
C ILE B 300 -23.59 20.55 -14.47
N THR B 301 -23.37 19.94 -13.31
CA THR B 301 -22.60 20.56 -12.22
C THR B 301 -22.97 22.02 -11.95
N ASN B 302 -24.24 22.25 -11.63
CA ASN B 302 -24.73 23.56 -11.09
C ASN B 302 -25.01 24.67 -12.11
N CYS B 303 -24.99 24.35 -13.40
CA CYS B 303 -25.34 25.34 -14.43
C CYS B 303 -26.16 24.69 -15.50
N VAL B 304 -27.22 25.38 -15.91
CA VAL B 304 -27.93 25.04 -17.12
C VAL B 304 -26.99 25.47 -18.24
N ARG B 305 -26.68 24.55 -19.13
CA ARG B 305 -25.64 24.80 -20.15
C ARG B 305 -26.19 25.40 -21.44
N LYS B 306 -27.17 26.29 -21.30
CA LYS B 306 -27.70 26.98 -22.46
C LYS B 306 -26.89 28.27 -22.63
N ASN B 307 -26.92 28.82 -23.85
CA ASN B 307 -26.21 30.04 -24.15
C ASN B 307 -27.19 31.11 -24.61
N ALA B 308 -27.47 32.08 -23.75
CA ALA B 308 -28.35 33.19 -24.09
C ALA B 308 -27.89 33.97 -25.32
N TRP B 309 -28.83 34.61 -26.02
CA TRP B 309 -28.54 35.41 -27.21
C TRP B 309 -27.39 36.42 -27.02
N TYR B 310 -27.32 37.05 -25.85
CA TYR B 310 -26.31 38.08 -25.63
C TYR B 310 -24.97 37.45 -25.34
N GLU B 311 -25.01 36.22 -24.83
CA GLU B 311 -23.79 35.42 -24.68
C GLU B 311 -23.27 35.01 -26.06
N LEU B 312 -24.17 34.52 -26.93
CA LEU B 312 -23.81 34.24 -28.32
C LEU B 312 -23.08 35.40 -28.95
N GLU B 313 -23.62 36.61 -28.78
CA GLU B 313 -22.99 37.80 -29.32
C GLU B 313 -21.70 38.18 -28.60
N SER B 314 -21.63 37.96 -27.28
CA SER B 314 -20.38 38.13 -26.52
C SER B 314 -19.21 37.41 -27.19
N THR B 315 -19.42 36.11 -27.46
CA THR B 315 -18.38 35.28 -28.02
C THR B 315 -17.70 35.91 -29.23
N VAL B 316 -18.52 36.39 -30.17
CA VAL B 316 -18.07 37.04 -31.40
C VAL B 316 -17.14 38.20 -31.09
N LEU B 317 -17.53 39.01 -30.11
CA LEU B 317 -16.77 40.19 -29.72
C LEU B 317 -15.49 39.78 -29.04
N ILE B 318 -15.53 38.65 -28.33
CA ILE B 318 -14.38 38.21 -27.56
C ILE B 318 -13.33 37.68 -28.50
N ASP B 319 -13.74 36.77 -29.38
CA ASP B 319 -12.85 36.26 -30.40
C ASP B 319 -12.17 37.37 -31.20
N ARG B 320 -12.94 38.40 -31.56
CA ARG B 320 -12.42 39.52 -32.32
C ARG B 320 -11.36 40.26 -31.51
N LEU B 321 -11.64 40.47 -30.22
CA LEU B 321 -10.67 41.11 -29.32
C LEU B 321 -9.36 40.35 -29.28
N PHE B 322 -9.45 39.03 -29.14
CA PHE B 322 -8.25 38.21 -28.98
C PHE B 322 -7.38 38.21 -30.23
N ARG B 323 -8.01 38.31 -31.39
CA ARG B 323 -7.23 38.48 -32.60
C ARG B 323 -6.60 39.88 -32.59
N GLN B 324 -7.35 40.91 -32.22
CA GLN B 324 -6.80 42.27 -32.15
C GLN B 324 -5.57 42.35 -31.23
N LEU B 325 -5.66 41.75 -30.05
CA LEU B 325 -4.56 41.65 -29.07
C LEU B 325 -3.32 40.89 -29.57
N LEU B 326 -3.55 39.74 -30.23
CA LEU B 326 -2.48 38.98 -30.84
C LEU B 326 -1.86 39.74 -32.01
N ASP B 327 -2.71 40.37 -32.83
CA ASP B 327 -2.23 41.13 -33.99
C ASP B 327 -1.33 42.32 -33.60
N GLN B 328 -1.66 42.97 -32.48
CA GLN B 328 -0.96 44.20 -32.08
C GLN B 328 -0.16 44.06 -30.79
N HIS B 329 -0.73 43.38 -29.80
CA HIS B 329 -0.18 43.40 -28.45
C HIS B 329 0.47 42.12 -27.96
N ALA B 330 0.95 41.30 -28.90
CA ALA B 330 1.35 39.93 -28.57
C ALA B 330 2.54 39.87 -27.64
N ASP B 331 3.37 40.89 -27.64
CA ASP B 331 4.50 40.88 -26.73
C ASP B 331 4.05 41.10 -25.26
N THR B 332 2.81 41.57 -25.08
CA THR B 332 2.28 41.87 -23.74
C THR B 332 1.29 40.83 -23.22
N LEU B 333 1.23 39.68 -23.90
CA LEU B 333 0.24 38.63 -23.62
C LEU B 333 0.86 37.37 -23.02
N GLY B 334 2.16 37.40 -22.73
CA GLY B 334 2.80 36.37 -21.92
C GLY B 334 2.87 34.97 -22.48
N GLY B 335 2.83 34.84 -23.81
CA GLY B 335 2.94 33.55 -24.48
C GLY B 335 1.61 32.84 -24.65
N LEU B 336 0.56 33.63 -24.85
CA LEU B 336 -0.81 33.14 -24.93
C LEU B 336 -1.09 32.22 -26.12
N VAL B 337 -1.78 31.14 -25.83
CA VAL B 337 -2.40 30.27 -26.82
C VAL B 337 -3.86 30.16 -26.44
N ALA B 338 -4.74 30.56 -27.34
CA ALA B 338 -6.16 30.52 -27.06
C ALA B 338 -6.87 29.99 -28.28
N ALA B 339 -7.77 29.04 -28.04
CA ALA B 339 -8.65 28.51 -29.09
C ALA B 339 -9.64 29.58 -29.51
N ALA B 340 -9.63 29.90 -30.79
CA ALA B 340 -10.47 30.96 -31.32
C ALA B 340 -11.86 30.42 -31.49
N GLU B 341 -12.86 31.28 -31.32
CA GLU B 341 -14.26 30.92 -31.52
C GLU B 341 -14.81 31.84 -32.60
N PRO B 342 -14.50 31.52 -33.88
CA PRO B 342 -14.69 32.50 -34.96
C PRO B 342 -16.10 32.55 -35.54
N GLY B 343 -16.97 31.65 -35.13
CA GLY B 343 -18.32 31.61 -35.65
C GLY B 343 -19.34 31.31 -34.57
N VAL B 344 -20.53 31.87 -34.77
CA VAL B 344 -21.64 31.75 -33.84
C VAL B 344 -22.91 31.75 -34.71
N VAL B 345 -23.80 30.79 -34.51
CA VAL B 345 -25.10 30.83 -35.19
C VAL B 345 -26.26 30.64 -34.21
N SER B 346 -27.37 31.32 -34.47
CA SER B 346 -28.64 31.04 -33.80
C SER B 346 -29.77 31.34 -34.77
N TRP B 347 -30.98 30.90 -34.45
CA TRP B 347 -32.12 31.11 -35.34
C TRP B 347 -33.36 31.47 -34.54
N SER B 348 -34.21 32.34 -35.11
CA SER B 348 -35.55 32.59 -34.59
C SER B 348 -36.47 33.13 -35.69
N PRO B 349 -37.77 32.81 -35.64
CA PRO B 349 -38.63 33.23 -36.74
C PRO B 349 -38.53 34.72 -36.93
N ALA B 350 -38.41 35.15 -38.19
CA ALA B 350 -38.37 36.57 -38.49
C ALA B 350 -39.60 37.31 -37.96
N ALA B 351 -40.75 36.63 -37.94
CA ALA B 351 -42.00 37.22 -37.44
C ALA B 351 -42.15 37.20 -35.91
N ALA B 352 -41.37 36.37 -35.23
CA ALA B 352 -41.38 36.29 -33.76
C ALA B 352 -41.03 37.63 -33.09
N GLY B 353 -41.66 37.89 -31.95
CA GLY B 353 -41.38 39.10 -31.16
C GLY B 353 -40.22 38.82 -30.21
N GLU B 354 -39.75 39.86 -29.51
CA GLU B 354 -38.49 39.78 -28.76
C GLU B 354 -38.41 38.57 -27.84
N LEU B 355 -39.46 38.33 -27.07
CA LEU B 355 -39.44 37.28 -26.07
C LEU B 355 -39.24 35.90 -26.69
N ASP B 356 -40.03 35.59 -27.72
CA ASP B 356 -39.91 34.31 -28.45
C ASP B 356 -38.60 34.22 -29.22
N SER B 357 -38.13 35.35 -29.73
CA SER B 357 -36.88 35.42 -30.49
C SER B 357 -35.67 35.03 -29.67
N HIS B 358 -35.68 35.43 -28.41
CA HIS B 358 -34.59 35.16 -27.49
C HIS B 358 -34.59 33.69 -27.06
N TRP B 359 -35.77 33.18 -26.78
CA TRP B 359 -35.92 31.81 -26.38
C TRP B 359 -35.33 30.92 -27.49
N PHE B 360 -35.84 31.07 -28.72
CA PHE B 360 -35.36 30.34 -29.92
C PHE B 360 -33.85 30.43 -30.14
N ARG B 361 -33.29 31.63 -30.01
CA ARG B 361 -31.85 31.83 -30.19
C ARG B 361 -31.07 31.16 -29.07
N GLU B 362 -31.59 31.20 -27.85
CA GLU B 362 -31.00 30.47 -26.75
C GLU B 362 -30.98 28.96 -27.07
N GLN B 363 -32.03 28.47 -27.72
CA GLN B 363 -32.23 27.04 -27.94
C GLN B 363 -31.43 26.49 -29.11
N THR B 364 -31.29 27.31 -30.15
CA THR B 364 -30.60 26.94 -31.37
C THR B 364 -29.19 27.49 -31.43
N GLY B 365 -28.72 28.06 -30.31
CA GLY B 365 -27.39 28.64 -30.25
C GLY B 365 -26.30 27.62 -30.50
N GLY B 366 -25.38 27.93 -31.41
CA GLY B 366 -24.25 27.05 -31.67
C GLY B 366 -23.01 27.89 -31.88
N ILE B 367 -21.86 27.40 -31.41
CA ILE B 367 -20.62 28.15 -31.45
C ILE B 367 -19.51 27.30 -32.08
N LEU B 368 -18.77 27.83 -33.06
CA LEU B 368 -17.61 27.14 -33.59
C LEU B 368 -16.36 27.56 -32.82
N ARG B 369 -15.62 26.57 -32.31
CA ARG B 369 -14.30 26.81 -31.71
C ARG B 369 -13.25 26.17 -32.61
N GLU B 370 -12.10 26.82 -32.77
CA GLU B 370 -11.03 26.28 -33.58
C GLU B 370 -10.61 24.91 -33.07
N ASN B 371 -10.53 23.92 -33.95
CA ASN B 371 -9.99 22.61 -33.55
C ASN B 371 -8.48 22.74 -33.40
N PHE B 372 -8.04 23.11 -32.20
CA PHE B 372 -6.63 23.43 -31.97
C PHE B 372 -5.68 22.28 -32.25
N CYS B 373 -6.21 21.06 -32.31
CA CYS B 373 -5.38 19.88 -32.52
C CYS B 373 -4.66 19.89 -33.86
N ARG B 374 -5.19 20.67 -34.81
CA ARG B 374 -4.59 20.78 -36.11
C ARG B 374 -3.31 21.61 -36.02
N ARG B 375 -3.34 22.55 -35.08
CA ARG B 375 -2.23 23.44 -34.78
C ARG B 375 -1.29 22.86 -33.69
N THR B 376 -1.82 21.99 -32.82
CA THR B 376 -1.11 21.58 -31.62
C THR B 376 -0.73 20.10 -31.55
N GLY B 377 -1.46 19.24 -32.27
CA GLY B 377 -1.16 17.81 -32.32
C GLY B 377 -1.98 17.00 -31.33
N ALA B 378 -2.94 16.24 -31.85
CA ALA B 378 -3.81 15.41 -31.02
C ALA B 378 -3.04 14.65 -29.94
N GLU B 379 -1.96 13.98 -30.35
CA GLU B 379 -1.15 13.21 -29.40
C GLU B 379 -0.18 14.04 -28.53
N ARG B 380 -0.16 15.36 -28.73
CA ARG B 380 0.65 16.25 -27.90
C ARG B 380 -0.23 17.09 -26.99
N SER B 381 -1.54 16.85 -27.02
CA SER B 381 -2.52 17.73 -26.39
C SER B 381 -3.44 17.00 -25.44
N ILE B 382 -3.41 17.40 -24.18
CA ILE B 382 -4.14 16.71 -23.12
C ILE B 382 -4.92 17.75 -22.32
N MET B 383 -6.22 17.52 -22.14
CA MET B 383 -7.02 18.42 -21.30
C MET B 383 -6.48 18.30 -19.90
N ALA B 384 -6.26 19.46 -19.26
CA ALA B 384 -5.55 19.52 -17.98
C ALA B 384 -6.23 18.80 -16.83
N GLY B 385 -7.56 18.80 -16.83
CA GLY B 385 -8.30 18.18 -15.76
C GLY B 385 -8.02 16.68 -15.76
N THR B 386 -7.80 16.11 -16.94
CA THR B 386 -7.47 14.67 -17.02
C THR B 386 -6.01 14.55 -16.64
N LEU B 387 -5.21 15.52 -17.09
CA LEU B 387 -3.78 15.46 -16.85
C LEU B 387 -3.50 15.27 -15.38
N PHE B 388 -4.38 15.79 -14.55
CA PHE B 388 -4.16 15.79 -13.11
C PHE B 388 -5.24 15.00 -12.40
N ALA B 389 -6.01 14.25 -13.16
CA ALA B 389 -7.06 13.40 -12.63
C ALA B 389 -6.49 12.05 -12.19
N ARG B 390 -7.34 11.20 -11.63
CA ARG B 390 -6.93 9.84 -11.26
C ARG B 390 -7.44 8.91 -12.34
N GLY B 391 -6.79 7.76 -12.51
CA GLY B 391 -7.19 6.81 -13.52
C GLY B 391 -8.15 5.82 -12.92
N VAL B 392 -8.41 4.72 -13.65
CA VAL B 392 -9.29 3.65 -13.16
C VAL B 392 -8.73 2.97 -11.91
N ASP B 393 -7.43 3.11 -11.68
CA ASP B 393 -6.81 2.62 -10.44
C ASP B 393 -6.81 3.69 -9.31
N LEU B 394 -7.56 4.76 -9.52
CA LEU B 394 -7.60 5.88 -8.55
C LEU B 394 -6.19 6.33 -8.12
N GLN B 395 -5.24 6.20 -9.04
CA GLN B 395 -3.89 6.73 -8.90
C GLN B 395 -3.73 7.87 -9.89
N PRO B 396 -2.93 8.89 -9.54
CA PRO B 396 -2.61 10.00 -10.45
C PRO B 396 -1.92 9.55 -11.74
N MET B 397 -2.54 9.86 -12.87
CA MET B 397 -2.11 9.30 -14.15
C MET B 397 -0.79 9.92 -14.58
N ILE B 398 -0.56 11.17 -14.14
CA ILE B 398 0.63 11.95 -14.45
C ILE B 398 1.93 11.29 -13.99
N GLN B 399 1.86 10.48 -12.95
CA GLN B 399 3.06 9.79 -12.43
C GLN B 399 3.64 8.76 -13.41
N THR B 400 2.77 7.93 -14.00
CA THR B 400 3.24 6.91 -14.93
C THR B 400 3.52 7.56 -16.27
N PHE B 401 2.75 8.60 -16.56
CA PHE B 401 2.91 9.39 -17.76
C PHE B 401 4.29 10.05 -17.85
N LEU B 402 4.70 10.75 -16.81
CA LEU B 402 6.00 11.43 -16.82
C LEU B 402 7.12 10.41 -16.85
N ARG B 403 6.93 9.31 -16.13
CA ARG B 403 7.89 8.21 -16.09
C ARG B 403 8.16 7.65 -17.47
N THR B 404 7.10 7.37 -18.24
CA THR B 404 7.28 6.85 -19.59
C THR B 404 8.06 7.86 -20.46
N HIS B 405 7.83 9.14 -20.23
CA HIS B 405 8.42 10.19 -21.07
C HIS B 405 9.86 10.54 -20.74
N TYR B 406 10.19 10.48 -19.45
CA TYR B 406 11.53 10.79 -19.00
C TYR B 406 12.45 9.57 -19.07
N GLY B 407 11.86 8.38 -18.99
CA GLY B 407 12.60 7.13 -19.21
C GLY B 407 13.08 6.47 -17.93
N GLU B 408 12.73 7.09 -16.80
CA GLU B 408 13.16 6.65 -15.48
C GLU B 408 12.20 7.27 -14.49
N ALA B 409 12.17 6.77 -13.26
CA ALA B 409 11.35 7.40 -12.22
C ALA B 409 11.86 8.80 -11.93
N LEU B 410 10.93 9.73 -11.76
CA LEU B 410 11.26 11.13 -11.52
C LEU B 410 11.59 11.38 -10.05
N ASP B 411 12.74 12.02 -9.80
CA ASP B 411 13.11 12.45 -8.46
C ASP B 411 12.47 13.78 -8.12
N ASP B 412 12.75 14.29 -6.92
CA ASP B 412 12.16 15.54 -6.44
C ASP B 412 12.44 16.72 -7.37
N ASN B 413 13.68 16.85 -7.84
CA ASN B 413 14.06 17.95 -8.73
C ASN B 413 13.40 17.88 -10.10
N ALA B 414 13.24 16.68 -10.64
CA ALA B 414 12.62 16.50 -11.95
C ALA B 414 11.15 16.89 -11.86
N LEU B 415 10.47 16.47 -10.80
CA LEU B 415 9.08 16.83 -10.56
C LEU B 415 8.94 18.33 -10.33
N LEU B 416 9.85 18.90 -9.55
CA LEU B 416 9.81 20.35 -9.27
C LEU B 416 10.08 21.16 -10.54
N TYR B 417 11.00 20.68 -11.34
CA TYR B 417 11.37 21.32 -12.60
C TYR B 417 10.22 21.27 -13.58
N TRP B 418 9.55 20.12 -13.65
CA TRP B 418 8.38 19.95 -14.52
C TRP B 418 7.27 20.89 -14.12
N PHE B 419 7.01 20.98 -12.81
CA PHE B 419 5.95 21.85 -12.29
C PHE B 419 6.20 23.29 -12.62
N ASP B 420 7.47 23.69 -12.50
CA ASP B 420 7.89 25.06 -12.74
C ASP B 420 7.57 25.45 -14.18
N ASP B 421 7.79 24.52 -15.11
CA ASP B 421 7.51 24.76 -16.53
C ASP B 421 6.02 24.87 -16.79
N TYR B 422 5.24 24.03 -16.11
CA TYR B 422 3.80 24.10 -16.18
C TYR B 422 3.22 25.39 -15.59
N GLN B 423 3.47 25.66 -14.31
CA GLN B 423 2.84 26.80 -13.67
C GLN B 423 3.10 28.07 -14.48
N THR B 424 4.36 28.26 -14.85
CA THR B 424 4.79 29.39 -15.66
C THR B 424 3.85 29.65 -16.84
N ARG B 425 3.60 28.61 -17.62
CA ARG B 425 2.90 28.75 -18.87
C ARG B 425 1.44 28.96 -18.67
N LEU B 426 0.96 28.70 -17.45
CA LEU B 426 -0.41 28.99 -17.07
C LEU B 426 -0.60 30.43 -16.53
N LEU B 427 0.24 30.82 -15.57
CA LEU B 427 0.08 32.11 -14.87
C LEU B 427 0.39 33.32 -15.74
N ARG B 428 1.46 33.22 -16.51
CA ARG B 428 1.86 34.21 -17.49
C ARG B 428 0.79 34.72 -18.47
N PRO B 429 0.13 33.82 -19.24
CA PRO B 429 -0.96 34.26 -20.10
C PRO B 429 -2.11 34.88 -19.30
N VAL B 430 -2.64 34.16 -18.32
CA VAL B 430 -3.79 34.66 -17.55
C VAL B 430 -3.55 36.01 -16.87
N LEU B 431 -2.39 36.16 -16.22
CA LEU B 431 -2.11 37.34 -15.39
C LEU B 431 -1.69 38.53 -16.23
N SER B 432 -1.31 38.21 -17.47
CA SER B 432 -0.90 39.21 -18.43
C SER B 432 -2.17 39.80 -18.98
N LEU B 433 -3.07 38.91 -19.38
CA LEU B 433 -4.38 39.31 -19.88
C LEU B 433 -5.14 40.10 -18.84
N PHE B 434 -5.10 39.66 -17.58
CA PHE B 434 -5.91 40.30 -16.59
C PHE B 434 -5.39 41.72 -16.32
N PHE B 435 -4.12 41.83 -15.95
CA PHE B 435 -3.53 43.11 -15.46
C PHE B 435 -3.11 44.06 -16.58
N ASN B 436 -2.71 43.49 -17.71
CA ASN B 436 -2.36 44.27 -18.88
C ASN B 436 -3.56 44.69 -19.72
N HIS B 437 -4.62 43.87 -19.77
CA HIS B 437 -5.69 44.15 -20.72
C HIS B 437 -7.12 44.20 -20.15
N GLY B 438 -7.31 43.79 -18.90
CA GLY B 438 -8.67 43.61 -18.36
C GLY B 438 -9.34 42.29 -18.81
N VAL B 439 -8.65 41.47 -19.60
CA VAL B 439 -9.31 40.20 -20.04
C VAL B 439 -9.34 39.32 -18.83
N VAL B 440 -10.54 39.03 -18.35
CA VAL B 440 -10.64 38.05 -17.28
C VAL B 440 -10.87 36.71 -17.91
N MET B 441 -9.88 35.83 -17.85
CA MET B 441 -10.09 34.42 -18.23
C MET B 441 -10.79 33.65 -17.11
N GLU B 442 -11.15 32.40 -17.40
CA GLU B 442 -11.64 31.46 -16.41
C GLU B 442 -10.83 30.18 -16.59
N PRO B 443 -9.57 30.16 -16.12
CA PRO B 443 -8.69 29.06 -16.48
C PRO B 443 -8.75 27.92 -15.47
N HIS B 444 -9.93 27.37 -15.22
CA HIS B 444 -10.00 26.10 -14.49
C HIS B 444 -9.37 24.97 -15.30
N LEU B 445 -9.44 23.75 -14.75
CA LEU B 445 -8.78 22.61 -15.34
C LEU B 445 -9.34 22.28 -16.70
N GLN B 446 -10.64 22.53 -16.89
CA GLN B 446 -11.33 22.12 -18.13
C GLN B 446 -11.15 23.15 -19.26
N ASN B 447 -10.82 24.38 -18.90
CA ASN B 447 -10.55 25.41 -19.90
C ASN B 447 -9.08 25.42 -20.29
N SER B 448 -8.36 24.40 -19.85
CA SER B 448 -6.92 24.37 -19.97
C SER B 448 -6.50 23.09 -20.65
N VAL B 449 -5.53 23.18 -21.57
CA VAL B 449 -5.10 22.02 -22.33
C VAL B 449 -3.59 22.07 -22.40
N LEU B 450 -2.92 21.06 -21.85
CA LEU B 450 -1.46 20.99 -22.03
C LEU B 450 -1.03 20.49 -23.38
N VAL B 451 -0.23 21.32 -24.04
CA VAL B 451 0.51 20.93 -25.22
C VAL B 451 1.92 20.57 -24.78
N HIS B 452 2.34 19.33 -25.07
CA HIS B 452 3.62 18.84 -24.58
C HIS B 452 4.51 18.20 -25.63
N GLN B 453 5.83 18.28 -25.46
CA GLN B 453 6.78 17.62 -26.35
C GLN B 453 7.50 16.51 -25.61
N GLN B 454 6.98 15.30 -25.75
CA GLN B 454 7.46 14.15 -24.99
C GLN B 454 7.48 14.44 -23.50
N GLY B 455 6.35 14.91 -22.98
CA GLY B 455 6.18 15.17 -21.56
C GLY B 455 6.57 16.59 -21.15
N ARG B 456 7.49 17.19 -21.90
CA ARG B 456 7.95 18.54 -21.62
C ARG B 456 6.87 19.55 -21.98
N PRO B 457 6.30 20.23 -20.97
CA PRO B 457 5.39 21.35 -21.18
C PRO B 457 5.90 22.30 -22.25
N GLN B 458 5.03 22.61 -23.21
CA GLN B 458 5.32 23.59 -24.25
C GLN B 458 4.40 24.80 -24.09
N GLN B 459 3.08 24.56 -24.10
CA GLN B 459 2.05 25.60 -23.94
C GLN B 459 0.92 25.07 -23.11
N VAL B 460 0.27 25.94 -22.35
CA VAL B 460 -1.04 25.61 -21.78
C VAL B 460 -2.09 26.42 -22.55
N LEU B 461 -2.75 25.74 -23.49
CA LEU B 461 -3.77 26.34 -24.33
C LEU B 461 -4.95 26.71 -23.45
N LEU B 462 -5.60 27.83 -23.74
CA LEU B 462 -6.72 28.31 -22.91
C LEU B 462 -7.94 28.46 -23.76
N ARG B 463 -9.12 28.13 -23.23
CA ARG B 463 -10.28 28.22 -24.09
C ARG B 463 -11.54 28.61 -23.36
N ASP B 464 -12.56 28.94 -24.17
CA ASP B 464 -13.97 28.99 -23.78
C ASP B 464 -14.34 30.44 -23.50
N PHE B 465 -14.69 31.19 -24.54
CA PHE B 465 -14.88 32.65 -24.44
C PHE B 465 -16.16 33.09 -23.72
N GLU B 466 -17.12 32.18 -23.57
CA GLU B 466 -18.37 32.43 -22.87
C GLU B 466 -18.12 32.99 -21.49
N GLY B 467 -17.28 32.31 -20.72
CA GLY B 467 -16.89 32.80 -19.41
C GLY B 467 -15.78 33.82 -19.42
N VAL B 468 -15.49 34.42 -20.57
CA VAL B 468 -14.43 35.39 -20.61
C VAL B 468 -15.10 36.76 -20.35
N LYS B 469 -14.57 37.50 -19.38
CA LYS B 469 -15.17 38.77 -18.96
C LYS B 469 -14.17 39.92 -19.08
N LEU B 470 -14.69 41.15 -18.99
CA LEU B 470 -13.90 42.36 -19.20
C LEU B 470 -14.16 43.41 -18.13
N THR B 471 -13.07 44.00 -17.61
CA THR B 471 -13.10 44.83 -16.42
C THR B 471 -13.64 46.24 -16.66
N ASP B 472 -14.45 46.74 -15.72
CA ASP B 472 -15.05 48.07 -15.86
C ASP B 472 -14.02 49.20 -16.03
N ASP B 473 -12.86 49.05 -15.40
CA ASP B 473 -11.84 50.09 -15.40
C ASP B 473 -10.86 50.00 -16.58
N LEU B 474 -10.82 48.86 -17.26
CA LEU B 474 -9.79 48.72 -18.29
C LEU B 474 -10.21 47.88 -19.52
N GLY B 475 -10.55 46.61 -19.31
CA GLY B 475 -10.89 45.73 -20.42
C GLY B 475 -12.03 46.22 -21.28
N ILE B 476 -13.03 46.77 -20.61
CA ILE B 476 -14.21 47.23 -21.30
C ILE B 476 -13.91 48.36 -22.31
N ARG B 477 -12.79 49.08 -22.15
CA ARG B 477 -12.39 50.07 -23.17
C ARG B 477 -12.23 49.42 -24.56
N TYR B 478 -12.01 48.10 -24.59
CA TYR B 478 -11.85 47.41 -25.87
C TYR B 478 -13.11 47.34 -26.71
N ILE B 479 -14.26 47.26 -26.04
CA ILE B 479 -15.55 47.09 -26.70
C ILE B 479 -16.04 48.40 -27.29
N ASP B 480 -16.61 48.33 -28.49
CA ASP B 480 -17.30 49.47 -29.11
C ASP B 480 -18.44 49.93 -28.22
N ASP B 481 -18.60 51.24 -28.09
CA ASP B 481 -19.73 51.82 -27.35
C ASP B 481 -21.05 51.51 -28.05
N ASP B 482 -20.98 51.26 -29.36
CA ASP B 482 -22.14 50.94 -30.19
C ASP B 482 -22.83 49.62 -29.79
N ILE B 483 -22.10 48.78 -29.06
CA ILE B 483 -22.53 47.44 -28.66
C ILE B 483 -23.85 47.46 -27.88
N HIS B 484 -24.71 46.47 -28.17
CA HIS B 484 -25.97 46.31 -27.47
C HIS B 484 -25.71 46.27 -25.96
N PRO B 485 -26.46 47.06 -25.19
CA PRO B 485 -26.28 47.17 -23.75
C PRO B 485 -26.28 45.84 -23.01
N ARG B 486 -27.16 44.92 -23.40
CA ARG B 486 -27.26 43.62 -22.75
C ARG B 486 -25.98 42.81 -22.94
N VAL B 487 -25.45 42.84 -24.16
CA VAL B 487 -24.21 42.16 -24.49
C VAL B 487 -23.07 42.75 -23.70
N ARG B 488 -23.07 44.08 -23.60
CA ARG B 488 -22.12 44.81 -22.82
C ARG B 488 -22.21 44.38 -21.36
N GLN B 489 -23.44 44.35 -20.85
CA GLN B 489 -23.70 43.99 -19.47
C GLN B 489 -23.20 42.58 -19.19
N SER B 490 -23.30 41.71 -20.18
CA SER B 490 -22.91 40.29 -20.02
C SER B 490 -21.40 40.12 -19.97
N LEU B 491 -20.67 41.06 -20.55
CA LEU B 491 -19.22 40.95 -20.60
C LEU B 491 -18.62 41.51 -19.32
N LEU B 492 -19.37 42.44 -18.72
CA LEU B 492 -18.85 43.34 -17.73
C LEU B 492 -18.64 42.73 -16.36
N TYR B 493 -17.39 42.74 -15.91
CA TYR B 493 -17.02 42.31 -14.57
C TYR B 493 -16.32 43.46 -13.87
N SER B 494 -16.53 43.61 -12.57
CA SER B 494 -15.72 44.53 -11.79
C SER B 494 -14.31 43.96 -11.66
N ARG B 495 -13.34 44.81 -11.36
CA ARG B 495 -11.97 44.35 -11.18
C ARG B 495 -11.89 43.31 -10.05
N GLU B 496 -12.47 43.65 -8.90
CA GLU B 496 -12.52 42.77 -7.74
C GLU B 496 -13.16 41.40 -8.05
N GLN B 497 -14.18 41.44 -8.89
CA GLN B 497 -15.02 40.33 -9.28
C GLN B 497 -14.23 39.41 -10.21
N GLY B 498 -13.53 40.03 -11.17
CA GLY B 498 -12.68 39.34 -12.09
C GLY B 498 -11.53 38.69 -11.36
N TRP B 499 -11.00 39.39 -10.35
CA TRP B 499 -9.85 38.84 -9.64
C TRP B 499 -10.18 37.66 -8.73
N ASN B 500 -11.32 37.74 -8.03
CA ASN B 500 -11.72 36.66 -7.14
C ASN B 500 -11.86 35.35 -7.92
N ARG B 501 -12.29 35.44 -9.18
CA ARG B 501 -12.45 34.26 -10.02
C ARG B 501 -11.12 33.73 -10.52
N ILE B 502 -10.27 34.66 -10.98
CA ILE B 502 -8.94 34.30 -11.41
C ILE B 502 -8.25 33.60 -10.24
N MET B 503 -8.21 34.23 -9.06
CA MET B 503 -7.73 33.60 -7.85
C MET B 503 -8.20 32.14 -7.67
N TYR B 504 -9.51 31.91 -7.72
CA TYR B 504 -10.05 30.57 -7.49
C TYR B 504 -9.55 29.60 -8.56
N CYS B 505 -9.84 29.94 -9.82
CA CYS B 505 -9.46 29.12 -10.96
C CYS B 505 -7.98 28.75 -11.00
N LEU B 506 -7.12 29.76 -10.84
CA LEU B 506 -5.68 29.56 -10.96
C LEU B 506 -5.13 28.76 -9.82
N PHE B 507 -5.54 29.08 -8.59
CA PHE B 507 -4.82 28.54 -7.46
C PHE B 507 -5.49 27.37 -6.77
N ILE B 508 -6.81 27.43 -6.61
CA ILE B 508 -7.54 26.39 -5.90
C ILE B 508 -8.06 25.31 -6.84
N ASN B 509 -8.65 25.70 -7.97
CA ASN B 509 -9.27 24.74 -8.89
C ASN B 509 -8.23 23.96 -9.67
N HIS B 510 -7.13 24.63 -9.94
CA HIS B 510 -6.21 24.19 -10.95
C HIS B 510 -4.85 23.87 -10.34
N LEU B 511 -4.03 24.88 -10.04
CA LEU B 511 -2.69 24.59 -9.52
C LEU B 511 -2.67 23.76 -8.24
N SER B 512 -3.66 23.96 -7.37
CA SER B 512 -3.76 23.12 -6.17
C SER B 512 -3.89 21.63 -6.52
N GLU B 513 -4.57 21.34 -7.64
CA GLU B 513 -4.74 19.95 -8.15
C GLU B 513 -3.50 19.43 -8.86
N THR B 514 -2.83 20.33 -9.58
CA THR B 514 -1.54 20.07 -10.24
C THR B 514 -0.51 19.61 -9.23
N ILE B 515 -0.46 20.32 -8.10
CA ILE B 515 0.49 20.05 -7.04
C ILE B 515 0.18 18.74 -6.31
N LEU B 516 -1.09 18.49 -6.04
CA LEU B 516 -1.51 17.29 -5.30
C LEU B 516 -1.33 15.99 -6.10
N ALA B 517 -1.42 16.07 -7.42
CA ALA B 517 -1.25 14.90 -8.28
C ALA B 517 0.23 14.58 -8.46
N LEU B 518 1.01 15.64 -8.68
CA LEU B 518 2.44 15.54 -8.90
C LEU B 518 3.20 15.08 -7.68
N SER B 519 2.60 15.31 -6.52
CA SER B 519 3.26 15.07 -5.24
C SER B 519 2.59 13.98 -4.43
N GLN B 520 1.70 13.22 -5.05
CA GLN B 520 1.20 12.02 -4.39
C GLN B 520 2.42 11.18 -4.04
N GLY B 521 2.46 10.66 -2.81
CA GLY B 521 3.60 9.86 -2.36
C GLY B 521 4.75 10.66 -1.78
N ARG B 522 4.76 11.97 -2.07
CA ARG B 522 5.81 12.87 -1.60
C ARG B 522 5.22 14.23 -1.22
N PRO B 523 4.41 14.28 -0.15
CA PRO B 523 3.68 15.49 0.25
C PRO B 523 4.58 16.66 0.63
N GLN B 524 5.85 16.38 0.91
CA GLN B 524 6.80 17.42 1.27
C GLN B 524 7.15 18.35 0.10
N LEU B 525 6.82 17.91 -1.12
CA LEU B 525 7.03 18.74 -2.31
C LEU B 525 6.02 19.88 -2.41
N ALA B 526 4.90 19.75 -1.71
CA ALA B 526 3.81 20.70 -1.80
C ALA B 526 4.21 22.12 -1.39
N PRO B 527 4.85 22.31 -0.23
CA PRO B 527 5.29 23.65 0.12
C PRO B 527 6.31 24.21 -0.88
N LEU B 528 7.21 23.34 -1.35
CA LEU B 528 8.28 23.72 -2.27
C LEU B 528 7.67 24.24 -3.55
N MET B 529 6.63 23.54 -4.03
CA MET B 529 5.90 23.94 -5.24
C MET B 529 5.10 25.22 -5.12
N TRP B 530 4.45 25.45 -3.98
CA TRP B 530 3.74 26.71 -3.78
C TRP B 530 4.69 27.89 -3.67
N ARG B 531 5.90 27.63 -3.19
CA ARG B 531 6.93 28.64 -3.10
C ARG B 531 7.41 29.09 -4.47
N ARG B 532 7.35 28.15 -5.43
CA ARG B 532 7.69 28.46 -6.81
C ARG B 532 6.60 29.27 -7.49
N VAL B 533 5.35 29.03 -7.08
CA VAL B 533 4.22 29.84 -7.50
C VAL B 533 4.41 31.27 -7.01
N GLN B 534 4.72 31.40 -5.71
CA GLN B 534 4.89 32.69 -5.08
C GLN B 534 6.00 33.47 -5.77
N GLN B 535 7.18 32.85 -5.91
CA GLN B 535 8.31 33.43 -6.64
C GLN B 535 7.95 33.80 -8.08
N GLN B 536 7.23 32.91 -8.75
CA GLN B 536 6.81 33.12 -10.14
C GLN B 536 5.81 34.26 -10.29
N LEU B 537 4.98 34.48 -9.27
CA LEU B 537 4.08 35.62 -9.26
C LEU B 537 4.86 36.92 -9.14
N ARG B 538 5.96 36.88 -8.40
CA ARG B 538 6.85 38.02 -8.25
C ARG B 538 7.51 38.32 -9.58
N ALA B 539 7.89 37.27 -10.30
CA ALA B 539 8.60 37.41 -11.55
C ALA B 539 7.69 38.01 -12.64
N ILE B 540 6.42 37.63 -12.61
CA ILE B 540 5.45 38.11 -13.60
C ILE B 540 5.07 39.56 -13.31
N GLN B 541 4.97 39.88 -12.02
CA GLN B 541 4.61 41.21 -11.58
C GLN B 541 5.55 42.29 -12.13
N GLY B 542 6.86 42.04 -12.09
CA GLY B 542 7.84 43.00 -12.58
C GLY B 542 7.90 43.00 -14.09
N GLU B 543 7.28 42.00 -14.69
CA GLU B 543 7.16 41.92 -16.13
C GLU B 543 5.94 42.70 -16.61
N LEU B 544 4.96 42.89 -15.73
CA LEU B 544 3.69 43.50 -16.10
C LEU B 544 3.80 44.98 -16.47
N LYS B 545 2.91 45.43 -17.35
CA LYS B 545 2.93 46.81 -17.83
C LYS B 545 1.87 47.73 -17.17
N GLN B 546 0.92 47.15 -16.43
CA GLN B 546 -0.05 47.95 -15.66
C GLN B 546 0.00 47.70 -14.14
N PRO B 547 -0.42 48.69 -13.32
CA PRO B 547 -0.32 48.49 -11.87
C PRO B 547 -1.06 47.21 -11.50
N SER B 548 -0.50 46.41 -10.59
CA SER B 548 -1.13 45.15 -10.15
C SER B 548 -1.11 44.94 -8.64
N PRO B 549 -1.76 45.84 -7.85
CA PRO B 549 -1.65 45.68 -6.38
C PRO B 549 -2.32 44.37 -5.91
N GLU B 550 -3.39 43.99 -6.58
CA GLU B 550 -3.98 42.67 -6.39
C GLU B 550 -2.93 41.58 -6.11
N LEU B 551 -1.86 41.57 -6.90
CA LEU B 551 -0.83 40.54 -6.80
C LEU B 551 -0.06 40.65 -5.49
N ASP B 552 0.30 41.88 -5.13
CA ASP B 552 0.99 42.15 -3.88
C ASP B 552 0.22 41.65 -2.64
N ALA B 553 -1.10 41.74 -2.67
CA ALA B 553 -1.94 41.12 -1.65
C ALA B 553 -1.71 39.59 -1.58
N LEU B 554 -1.86 38.90 -2.71
CA LEU B 554 -1.76 37.42 -2.78
C LEU B 554 -0.36 36.90 -2.47
N ILE B 555 0.64 37.40 -3.19
CA ILE B 555 2.07 37.13 -2.90
C ILE B 555 2.33 37.28 -1.40
N ALA B 556 1.81 38.36 -0.81
CA ALA B 556 1.98 38.63 0.63
C ALA B 556 1.21 37.68 1.56
N GLY B 557 0.37 36.82 0.99
CA GLY B 557 -0.23 35.73 1.75
C GLY B 557 -1.59 35.99 2.36
N HIS B 558 -2.42 36.79 1.70
CA HIS B 558 -3.76 37.06 2.18
C HIS B 558 -4.68 35.92 1.69
N PRO B 559 -5.84 35.71 2.35
CA PRO B 559 -6.75 34.60 1.96
C PRO B 559 -7.20 34.64 0.50
N VAL B 560 -7.44 33.45 -0.04
CA VAL B 560 -7.76 33.22 -1.45
C VAL B 560 -9.23 32.85 -1.60
N ALA B 561 -9.93 33.51 -2.52
CA ALA B 561 -11.35 33.23 -2.77
C ALA B 561 -11.53 31.84 -3.36
N CYS B 562 -12.56 31.13 -2.89
CA CYS B 562 -12.88 29.76 -3.35
C CYS B 562 -14.36 29.58 -3.70
N LYS B 563 -14.67 29.36 -4.99
CA LYS B 563 -16.04 29.05 -5.42
C LYS B 563 -16.56 27.84 -4.68
N THR B 564 -17.85 27.84 -4.32
CA THR B 564 -18.45 26.67 -3.68
C THR B 564 -19.21 25.80 -4.70
N ASN B 565 -19.35 24.51 -4.40
CA ASN B 565 -20.04 23.61 -5.30
C ASN B 565 -21.17 22.85 -4.62
N LEU B 566 -21.00 22.65 -3.32
CA LEU B 566 -22.01 22.06 -2.46
C LEU B 566 -22.80 23.13 -1.72
N LYS B 567 -22.09 24.08 -1.10
CA LYS B 567 -22.72 25.11 -0.28
C LYS B 567 -23.75 25.89 -1.08
N VAL B 568 -23.38 26.27 -2.30
CA VAL B 568 -24.23 27.08 -3.15
C VAL B 568 -25.57 26.41 -3.43
N ARG B 569 -25.54 25.07 -3.49
CA ARG B 569 -26.70 24.26 -3.82
C ARG B 569 -27.58 24.07 -2.60
N LEU B 570 -26.98 24.21 -1.41
CA LEU B 570 -27.74 24.12 -0.19
C LEU B 570 -28.42 25.44 0.16
N ALA B 571 -27.72 26.55 -0.04
CA ALA B 571 -28.28 27.88 0.25
C ALA B 571 -29.41 28.27 -0.69
N ALA B 572 -30.27 29.18 -0.25
CA ALA B 572 -31.27 29.80 -1.13
C ALA B 572 -30.55 30.47 -2.30
N GLU B 573 -31.15 30.39 -3.49
CA GLU B 573 -30.53 30.92 -4.71
C GLU B 573 -30.31 32.44 -4.67
N ALA B 574 -31.02 33.13 -3.78
CA ALA B 574 -30.86 34.56 -3.59
C ALA B 574 -29.89 34.87 -2.46
N ASP B 575 -29.27 33.83 -1.91
CA ASP B 575 -28.20 33.97 -0.92
C ASP B 575 -26.86 33.92 -1.66
N ARG B 576 -26.37 35.09 -2.02
CA ARG B 576 -25.17 35.20 -2.87
C ARG B 576 -23.86 34.97 -2.10
N GLN B 577 -23.89 35.26 -0.81
CA GLN B 577 -22.74 35.01 0.09
C GLN B 577 -22.23 33.58 -0.05
N ALA B 578 -23.16 32.64 -0.21
CA ALA B 578 -22.85 31.23 -0.15
C ALA B 578 -22.09 30.66 -1.35
N SER B 579 -22.00 31.42 -2.45
CA SER B 579 -21.33 30.93 -3.67
C SER B 579 -19.80 30.94 -3.58
N TYR B 580 -19.26 31.61 -2.59
CA TYR B 580 -17.82 31.69 -2.38
C TYR B 580 -17.43 31.59 -0.92
N VAL B 581 -16.23 31.09 -0.65
CA VAL B 581 -15.61 31.22 0.67
C VAL B 581 -14.15 31.67 0.49
N ARG B 582 -13.45 31.88 1.59
CA ARG B 582 -12.04 32.26 1.60
C ARG B 582 -11.24 31.16 2.28
N LEU B 583 -10.13 30.76 1.66
CA LEU B 583 -9.19 29.80 2.26
C LEU B 583 -7.83 30.48 2.49
N PRO B 584 -7.10 30.09 3.56
CA PRO B 584 -5.80 30.73 3.80
C PRO B 584 -4.79 30.39 2.71
N SER B 585 -3.97 31.37 2.32
CA SER B 585 -2.96 31.16 1.28
C SER B 585 -1.94 30.15 1.77
N PRO B 586 -1.51 29.22 0.88
CA PRO B 586 -0.71 28.13 1.39
C PRO B 586 0.76 28.51 1.51
N TRP B 587 1.04 29.82 1.55
CA TRP B 587 2.42 30.32 1.62
C TRP B 587 2.60 31.56 2.49
PG ATP C . 21.03 -24.72 20.26
O1G ATP C . 21.90 -23.57 20.66
O2G ATP C . 21.71 -26.07 20.26
O3G ATP C . 20.22 -24.51 19.01
PB ATP C . 18.73 -25.85 21.44
O1B ATP C . 19.20 -27.18 20.95
O2B ATP C . 18.00 -25.80 22.77
O3B ATP C . 19.95 -24.79 21.45
PA ATP C . 16.52 -26.11 19.78
O1A ATP C . 16.88 -26.53 18.38
O2A ATP C . 16.14 -27.15 20.81
O3A ATP C . 17.74 -25.25 20.37
O5' ATP C . 15.34 -25.01 19.74
C5' ATP C . 15.48 -23.90 18.88
C4' ATP C . 14.95 -22.65 19.57
O4' ATP C . 14.87 -21.62 18.59
C3' ATP C . 13.54 -22.87 20.09
O3' ATP C . 13.33 -22.14 21.30
C2' ATP C . 12.66 -22.31 19.02
O2' ATP C . 11.38 -21.91 19.52
C1' ATP C . 13.52 -21.18 18.45
N9 ATP C . 13.22 -20.91 17.01
C8 ATP C . 13.14 -19.67 16.48
N7 ATP C . 12.84 -19.72 15.17
C5 ATP C . 12.70 -21.01 14.83
C6 ATP C . 12.39 -21.75 13.60
N6 ATP C . 12.15 -21.09 12.45
N1 ATP C . 12.35 -23.10 13.68
C2 ATP C . 12.59 -23.77 14.82
N3 ATP C . 12.88 -23.15 15.98
C4 ATP C . 12.96 -21.80 16.05
MG MG D . 18.94 -25.46 17.54
N SER E . -40.28 33.31 -42.59
CA SER E . -40.66 33.06 -41.18
C SER E . -41.06 34.38 -40.51
O SER E . -41.03 35.45 -41.15
CB SER E . -39.49 32.42 -40.42
OG SER E . -38.27 33.06 -40.74
OXT SER E . -41.45 34.41 -39.34
PG ATP F . -16.67 24.49 -23.30
O1G ATP F . -16.58 23.38 -24.31
O2G ATP F . -16.91 25.83 -23.95
O3G ATP F . -15.53 24.56 -22.31
PB ATP F . -18.69 24.90 -21.27
O1B ATP F . -18.69 26.39 -21.59
O2B ATP F . -20.02 24.32 -20.92
O3B ATP F . -18.01 24.07 -22.48
PA ATP F . -17.69 25.53 -18.66
O1A ATP F . -16.31 26.05 -18.36
O2A ATP F . -18.90 26.43 -18.64
O3A ATP F . -17.67 24.68 -20.04
O5' ATP F . -17.97 24.36 -17.60
C5' ATP F . -16.95 23.39 -17.31
C4' ATP F . -17.41 21.96 -17.55
O4' ATP F . -16.32 21.11 -17.19
C3' ATP F . -18.54 21.53 -16.66
O3' ATP F . -19.35 20.66 -17.47
C2' ATP F . -17.89 20.78 -15.52
O2' ATP F . -18.72 19.76 -14.95
C1' ATP F . -16.67 20.19 -16.16
N9 ATP F . -15.46 20.09 -15.29
C8 ATP F . -14.73 18.97 -15.12
N7 ATP F . -13.67 19.20 -14.29
C5 ATP F . -13.72 20.49 -13.93
C6 ATP F . -12.89 21.38 -13.09
N6 ATP F . -11.80 20.91 -12.44
N1 ATP F . -13.28 22.68 -12.98
C2 ATP F . -14.36 23.16 -13.62
N3 ATP F . -15.16 22.40 -14.41
C4 ATP F . -14.89 21.09 -14.61
MG MG G . -15.25 25.26 -20.42
#